data_1PYK
# 
_entry.id   1PYK 
# 
_audit_conform.dict_name       mmcif_pdbx.dic 
_audit_conform.dict_version    5.386 
_audit_conform.dict_location   http://mmcif.pdb.org/dictionaries/ascii/mmcif_pdbx.dic 
# 
loop_
_database_2.database_id 
_database_2.database_code 
_database_2.pdbx_database_accession 
_database_2.pdbx_DOI 
PDB   1PYK         pdb_00001pyk 10.2210/pdb1pyk/pdb 
WWPDB D_1000175880 ?            ?                   
# 
loop_
_pdbx_audit_revision_history.ordinal 
_pdbx_audit_revision_history.data_content_type 
_pdbx_audit_revision_history.major_revision 
_pdbx_audit_revision_history.minor_revision 
_pdbx_audit_revision_history.revision_date 
1 'Structure model' 1 0 1980-03-07 
2 'Structure model' 1 1 2008-03-24 
3 'Structure model' 1 2 2011-07-13 
4 'Structure model' 1 3 2024-02-14 
# 
_pdbx_audit_revision_details.ordinal             1 
_pdbx_audit_revision_details.revision_ordinal    1 
_pdbx_audit_revision_details.data_content_type   'Structure model' 
_pdbx_audit_revision_details.provider            repository 
_pdbx_audit_revision_details.type                'Initial release' 
_pdbx_audit_revision_details.description         ? 
_pdbx_audit_revision_details.details             ? 
# 
loop_
_pdbx_audit_revision_group.ordinal 
_pdbx_audit_revision_group.revision_ordinal 
_pdbx_audit_revision_group.data_content_type 
_pdbx_audit_revision_group.group 
1 2 'Structure model' 'Version format compliance' 
2 3 'Structure model' 'Version format compliance' 
3 4 'Structure model' 'Database references'       
4 4 'Structure model' Other                       
# 
loop_
_pdbx_audit_revision_category.ordinal 
_pdbx_audit_revision_category.revision_ordinal 
_pdbx_audit_revision_category.data_content_type 
_pdbx_audit_revision_category.category 
1 4 'Structure model' database_2           
2 4 'Structure model' pdbx_database_status 
# 
loop_
_pdbx_audit_revision_item.ordinal 
_pdbx_audit_revision_item.revision_ordinal 
_pdbx_audit_revision_item.data_content_type 
_pdbx_audit_revision_item.item 
1 4 'Structure model' '_database_2.pdbx_DOI'                
2 4 'Structure model' '_database_2.pdbx_database_accession' 
3 4 'Structure model' '_pdbx_database_status.process_site'  
# 
_pdbx_database_status.status_code                     REL 
_pdbx_database_status.entry_id                        1PYK 
_pdbx_database_status.recvd_initial_deposition_date   1980-01-18 
_pdbx_database_status.deposit_site                    ? 
_pdbx_database_status.process_site                    BNL 
_pdbx_database_status.SG_entry                        . 
_pdbx_database_status.pdb_format_compatible           Y 
_pdbx_database_status.status_code_mr                  ? 
_pdbx_database_status.status_code_sf                  ? 
_pdbx_database_status.status_code_cs                  ? 
_pdbx_database_status.status_code_nmr_data            ? 
_pdbx_database_status.methods_development_category    ? 
# 
loop_
_audit_author.name 
_audit_author.pdbx_ordinal 
'Muirhead, H.'   1 
'Levine, M.'     2 
'Stammers, D.K.' 3 
'Stuart, D.I.'   4 
# 
loop_
_citation.id 
_citation.title 
_citation.journal_abbrev 
_citation.journal_volume 
_citation.page_first 
_citation.page_last 
_citation.year 
_citation.journal_id_ASTM 
_citation.country 
_citation.journal_id_ISSN 
_citation.journal_id_CSD 
_citation.book_publisher 
_citation.pdbx_database_id_PubMed 
_citation.pdbx_database_id_DOI 
primary 'Crystal structure of cat muscle pyruvate kinase at a resolution of 2.6 A.' J.Mol.Biol. 134 109 142 1979 JMOBAK UK 
0022-2836 0070 ? 537059 '10.1016/0022-2836(79)90416-9' 
1       
'Structure of Pyruvate Kinase and Similarities with Other Enzymes. Possible Implications for Protein Taxonomy and Evolution' 
Nature      271 626 ?   1978 NATUAS UK 0028-0836 0006 ? ?      ?                              
2       'Three-Dimensional Structure of Cat Muscle Pyruvate Kinase at 3.1 Angstroms Resolution' J.Mol.Biol. 112 309 ?   1977 
JMOBAK UK 0022-2836 0070 ? ?      ?                              
3       'Three-Dimensional Structure of Cat Muscle Pyruvate Kinase at 6 Angstrom Resolution' J.Mol.Biol. 95  213 ?   1975 JMOBAK 
UK 0022-2836 0070 ? ?      ?                              
# 
loop_
_citation_author.citation_id 
_citation_author.name 
_citation_author.ordinal 
_citation_author.identifier_ORCID 
primary 'Stuart, D.I.'   1  ? 
primary 'Levine, M.'     2  ? 
primary 'Muirhead, H.'   3  ? 
primary 'Stammers, D.K.' 4  ? 
1       'Levine, M.'     5  ? 
1       'Muirhead, H.'   6  ? 
1       'Stammers, D.K.' 7  ? 
1       'Stuart, D.I.'   8  ? 
2       'Stammers, D.K.' 9  ? 
2       'Muirhead, H.'   10 ? 
3       'Stammers, D.K.' 11 ? 
3       'Muirhead, H.'   12 ? 
# 
_entity.id                         1 
_entity.type                       polymer 
_entity.src_method                 man 
_entity.pdbx_description           'PYRUVATE KINASE' 
_entity.formula_weight             36783.293 
_entity.pdbx_number_of_molecules   1 
_entity.pdbx_ec                    2.7.1.40 
_entity.pdbx_mutation              ? 
_entity.pdbx_fragment              ? 
_entity.details                    ? 
# 
_entity_poly.entity_id                      1 
_entity_poly.type                           'polypeptide(L)' 
_entity_poly.nstd_linkage                   no 
_entity_poly.nstd_monomer                   no 
_entity_poly.pdbx_seq_one_letter_code       
;(UNK)(UNK)(UNK)(UNK)(UNK)(UNK)(UNK)(UNK)(UNK)(UNK)(UNK)(UNK)(UNK)(UNK)(UNK)(UNK)
(UNK)(UNK)(UNK)(UNK)(UNK)(UNK)(UNK)(UNK)(UNK)(UNK)(UNK)(UNK)(UNK)(UNK)(UNK)(UNK)
(UNK)(UNK)(UNK)(UNK)(UNK)(UNK)(UNK)(UNK)(UNK)(UNK)(UNK)(UNK)(UNK)(UNK)(UNK)(UNK)
(UNK)(UNK)(UNK)(UNK)(UNK)(UNK)(UNK)(UNK)(UNK)(UNK)(UNK)(UNK)(UNK)(UNK)(UNK)(UNK)
(UNK)(UNK)(UNK)(UNK)(UNK)(UNK)(UNK)(UNK)(UNK)(UNK)(UNK)(UNK)(UNK)(UNK)(UNK)(UNK)
(UNK)(UNK)(UNK)(UNK)(UNK)(UNK)(UNK)(UNK)(UNK)(UNK)(UNK)(UNK)(UNK)(UNK)(UNK)(UNK)
(UNK)(UNK)(UNK)(UNK)(UNK)(UNK)(UNK)(UNK)(UNK)(UNK)(UNK)(UNK)(UNK)(UNK)(UNK)(UNK)
(UNK)(UNK)(UNK)(UNK)(UNK)(UNK)(UNK)(UNK)(UNK)(UNK)(UNK)(UNK)(UNK)(UNK)(UNK)(UNK)
(UNK)(UNK)(UNK)(UNK)(UNK)(UNK)(UNK)(UNK)(UNK)(UNK)(UNK)(UNK)(UNK)(UNK)(UNK)(UNK)
(UNK)(UNK)(UNK)(UNK)(UNK)(UNK)(UNK)(UNK)(UNK)(UNK)(UNK)(UNK)(UNK)(UNK)(UNK)(UNK)
(UNK)(UNK)(UNK)(UNK)(UNK)(UNK)(UNK)(UNK)(UNK)(UNK)(UNK)(UNK)(UNK)(UNK)(UNK)(UNK)
(UNK)(UNK)(UNK)(UNK)(UNK)(UNK)(UNK)(UNK)(UNK)(UNK)(UNK)(UNK)(UNK)(UNK)(UNK)(UNK)
(UNK)(UNK)(UNK)(UNK)(UNK)(UNK)(UNK)(UNK)(UNK)(UNK)(UNK)(UNK)(UNK)(UNK)(UNK)(UNK)
(UNK)(UNK)(UNK)(UNK)(UNK)(UNK)(UNK)(UNK)(UNK)(UNK)(UNK)(UNK)(UNK)(UNK)(UNK)(UNK)
(UNK)(UNK)(UNK)(UNK)(UNK)(UNK)(UNK)(UNK)(UNK)(UNK)(UNK)(UNK)(UNK)(UNK)(UNK)(UNK)
(UNK)(UNK)(UNK)(UNK)(UNK)(UNK)(UNK)(UNK)(UNK)(UNK)(UNK)(UNK)(UNK)(UNK)(UNK)(UNK)
(UNK)(UNK)(UNK)(UNK)(UNK)(UNK)(UNK)(UNK)(UNK)(UNK)(UNK)(UNK)(UNK)(UNK)(UNK)(UNK)
(UNK)(UNK)(UNK)(UNK)(UNK)(UNK)(UNK)(UNK)(UNK)(UNK)(UNK)(UNK)(UNK)(UNK)(UNK)(UNK)
(UNK)(UNK)(UNK)(UNK)(UNK)(UNK)(UNK)(UNK)(UNK)(UNK)(UNK)(UNK)(UNK)(UNK)(UNK)(UNK)
(UNK)(UNK)(UNK)(UNK)(UNK)(UNK)(UNK)(UNK)(UNK)(UNK)(UNK)(UNK)(UNK)(UNK)(UNK)(UNK)
(UNK)(UNK)(UNK)(UNK)(UNK)(UNK)(UNK)(UNK)(UNK)(UNK)(UNK)(UNK)(UNK)(UNK)(UNK)(UNK)
(UNK)(UNK)(UNK)(UNK)(UNK)(UNK)(UNK)(UNK)(UNK)(UNK)(UNK)(UNK)(UNK)(UNK)(UNK)(UNK)
(UNK)(UNK)(UNK)(UNK)(UNK)(UNK)(UNK)(UNK)(UNK)(UNK)(UNK)(UNK)(UNK)(UNK)(UNK)(UNK)
(UNK)(UNK)(UNK)(UNK)(UNK)(UNK)(UNK)(UNK)(UNK)(UNK)(UNK)(UNK)(UNK)(UNK)(UNK)(UNK)
(UNK)(UNK)(UNK)(UNK)(UNK)(UNK)(UNK)(UNK)(UNK)(UNK)(UNK)(UNK)(UNK)(UNK)(UNK)(UNK)
(UNK)(UNK)(UNK)(UNK)(UNK)(UNK)(UNK)(UNK)(UNK)(UNK)(UNK)(UNK)(UNK)(UNK)(UNK)(UNK)
(UNK)(UNK)(UNK)(UNK)(UNK)(UNK)(UNK)(UNK)(UNK)(UNK)(UNK)(UNK)(UNK)(UNK)(UNK)(UNK)
;
_entity_poly.pdbx_seq_one_letter_code_can   
;XXXXXXXXXXXXXXXXXXXXXXXXXXXXXXXXXXXXXXXXXXXXXXXXXXXXXXXXXXXXXXXXXXXXXXXXXXXXXXXX
XXXXXXXXXXXXXXXXXXXXXXXXXXXXXXXXXXXXXXXXXXXXXXXXXXXXXXXXXXXXXXXXXXXXXXXXXXXXXXXX
XXXXXXXXXXXXXXXXXXXXXXXXXXXXXXXXXXXXXXXXXXXXXXXXXXXXXXXXXXXXXXXXXXXXXXXXXXXXXXXX
XXXXXXXXXXXXXXXXXXXXXXXXXXXXXXXXXXXXXXXXXXXXXXXXXXXXXXXXXXXXXXXXXXXXXXXXXXXXXXXX
XXXXXXXXXXXXXXXXXXXXXXXXXXXXXXXXXXXXXXXXXXXXXXXXXXXXXXXXXXXXXXXXXXXXXXXXXXXXXXXX
XXXXXXXXXXXXXXXXXXXXXXXXXXXXXXXX
;
_entity_poly.pdbx_strand_id                 A 
_entity_poly.pdbx_target_identifier         ? 
# 
loop_
_entity_poly_seq.entity_id 
_entity_poly_seq.num 
_entity_poly_seq.mon_id 
_entity_poly_seq.hetero 
1 1   UNK n 
1 2   UNK n 
1 3   UNK n 
1 4   UNK n 
1 5   UNK n 
1 6   UNK n 
1 7   UNK n 
1 8   UNK n 
1 9   UNK n 
1 10  UNK n 
1 11  UNK n 
1 12  UNK n 
1 13  UNK n 
1 14  UNK n 
1 15  UNK n 
1 16  UNK n 
1 17  UNK n 
1 18  UNK n 
1 19  UNK n 
1 20  UNK n 
1 21  UNK n 
1 22  UNK n 
1 23  UNK n 
1 24  UNK n 
1 25  UNK n 
1 26  UNK n 
1 27  UNK n 
1 28  UNK n 
1 29  UNK n 
1 30  UNK n 
1 31  UNK n 
1 32  UNK n 
1 33  UNK n 
1 34  UNK n 
1 35  UNK n 
1 36  UNK n 
1 37  UNK n 
1 38  UNK n 
1 39  UNK n 
1 40  UNK n 
1 41  UNK n 
1 42  UNK n 
1 43  UNK n 
1 44  UNK n 
1 45  UNK n 
1 46  UNK n 
1 47  UNK n 
1 48  UNK n 
1 49  UNK n 
1 50  UNK n 
1 51  UNK n 
1 52  UNK n 
1 53  UNK n 
1 54  UNK n 
1 55  UNK n 
1 56  UNK n 
1 57  UNK n 
1 58  UNK n 
1 59  UNK n 
1 60  UNK n 
1 61  UNK n 
1 62  UNK n 
1 63  UNK n 
1 64  UNK n 
1 65  UNK n 
1 66  UNK n 
1 67  UNK n 
1 68  UNK n 
1 69  UNK n 
1 70  UNK n 
1 71  UNK n 
1 72  UNK n 
1 73  UNK n 
1 74  UNK n 
1 75  UNK n 
1 76  UNK n 
1 77  UNK n 
1 78  UNK n 
1 79  UNK n 
1 80  UNK n 
1 81  UNK n 
1 82  UNK n 
1 83  UNK n 
1 84  UNK n 
1 85  UNK n 
1 86  UNK n 
1 87  UNK n 
1 88  UNK n 
1 89  UNK n 
1 90  UNK n 
1 91  UNK n 
1 92  UNK n 
1 93  UNK n 
1 94  UNK n 
1 95  UNK n 
1 96  UNK n 
1 97  UNK n 
1 98  UNK n 
1 99  UNK n 
1 100 UNK n 
1 101 UNK n 
1 102 UNK n 
1 103 UNK n 
1 104 UNK n 
1 105 UNK n 
1 106 UNK n 
1 107 UNK n 
1 108 UNK n 
1 109 UNK n 
1 110 UNK n 
1 111 UNK n 
1 112 UNK n 
1 113 UNK n 
1 114 UNK n 
1 115 UNK n 
1 116 UNK n 
1 117 UNK n 
1 118 UNK n 
1 119 UNK n 
1 120 UNK n 
1 121 UNK n 
1 122 UNK n 
1 123 UNK n 
1 124 UNK n 
1 125 UNK n 
1 126 UNK n 
1 127 UNK n 
1 128 UNK n 
1 129 UNK n 
1 130 UNK n 
1 131 UNK n 
1 132 UNK n 
1 133 UNK n 
1 134 UNK n 
1 135 UNK n 
1 136 UNK n 
1 137 UNK n 
1 138 UNK n 
1 139 UNK n 
1 140 UNK n 
1 141 UNK n 
1 142 UNK n 
1 143 UNK n 
1 144 UNK n 
1 145 UNK n 
1 146 UNK n 
1 147 UNK n 
1 148 UNK n 
1 149 UNK n 
1 150 UNK n 
1 151 UNK n 
1 152 UNK n 
1 153 UNK n 
1 154 UNK n 
1 155 UNK n 
1 156 UNK n 
1 157 UNK n 
1 158 UNK n 
1 159 UNK n 
1 160 UNK n 
1 161 UNK n 
1 162 UNK n 
1 163 UNK n 
1 164 UNK n 
1 165 UNK n 
1 166 UNK n 
1 167 UNK n 
1 168 UNK n 
1 169 UNK n 
1 170 UNK n 
1 171 UNK n 
1 172 UNK n 
1 173 UNK n 
1 174 UNK n 
1 175 UNK n 
1 176 UNK n 
1 177 UNK n 
1 178 UNK n 
1 179 UNK n 
1 180 UNK n 
1 181 UNK n 
1 182 UNK n 
1 183 UNK n 
1 184 UNK n 
1 185 UNK n 
1 186 UNK n 
1 187 UNK n 
1 188 UNK n 
1 189 UNK n 
1 190 UNK n 
1 191 UNK n 
1 192 UNK n 
1 193 UNK n 
1 194 UNK n 
1 195 UNK n 
1 196 UNK n 
1 197 UNK n 
1 198 UNK n 
1 199 UNK n 
1 200 UNK n 
1 201 UNK n 
1 202 UNK n 
1 203 UNK n 
1 204 UNK n 
1 205 UNK n 
1 206 UNK n 
1 207 UNK n 
1 208 UNK n 
1 209 UNK n 
1 210 UNK n 
1 211 UNK n 
1 212 UNK n 
1 213 UNK n 
1 214 UNK n 
1 215 UNK n 
1 216 UNK n 
1 217 UNK n 
1 218 UNK n 
1 219 UNK n 
1 220 UNK n 
1 221 UNK n 
1 222 UNK n 
1 223 UNK n 
1 224 UNK n 
1 225 UNK n 
1 226 UNK n 
1 227 UNK n 
1 228 UNK n 
1 229 UNK n 
1 230 UNK n 
1 231 UNK n 
1 232 UNK n 
1 233 UNK n 
1 234 UNK n 
1 235 UNK n 
1 236 UNK n 
1 237 UNK n 
1 238 UNK n 
1 239 UNK n 
1 240 UNK n 
1 241 UNK n 
1 242 UNK n 
1 243 UNK n 
1 244 UNK n 
1 245 UNK n 
1 246 UNK n 
1 247 UNK n 
1 248 UNK n 
1 249 UNK n 
1 250 UNK n 
1 251 UNK n 
1 252 UNK n 
1 253 UNK n 
1 254 UNK n 
1 255 UNK n 
1 256 UNK n 
1 257 UNK n 
1 258 UNK n 
1 259 UNK n 
1 260 UNK n 
1 261 UNK n 
1 262 UNK n 
1 263 UNK n 
1 264 UNK n 
1 265 UNK n 
1 266 UNK n 
1 267 UNK n 
1 268 UNK n 
1 269 UNK n 
1 270 UNK n 
1 271 UNK n 
1 272 UNK n 
1 273 UNK n 
1 274 UNK n 
1 275 UNK n 
1 276 UNK n 
1 277 UNK n 
1 278 UNK n 
1 279 UNK n 
1 280 UNK n 
1 281 UNK n 
1 282 UNK n 
1 283 UNK n 
1 284 UNK n 
1 285 UNK n 
1 286 UNK n 
1 287 UNK n 
1 288 UNK n 
1 289 UNK n 
1 290 UNK n 
1 291 UNK n 
1 292 UNK n 
1 293 UNK n 
1 294 UNK n 
1 295 UNK n 
1 296 UNK n 
1 297 UNK n 
1 298 UNK n 
1 299 UNK n 
1 300 UNK n 
1 301 UNK n 
1 302 UNK n 
1 303 UNK n 
1 304 UNK n 
1 305 UNK n 
1 306 UNK n 
1 307 UNK n 
1 308 UNK n 
1 309 UNK n 
1 310 UNK n 
1 311 UNK n 
1 312 UNK n 
1 313 UNK n 
1 314 UNK n 
1 315 UNK n 
1 316 UNK n 
1 317 UNK n 
1 318 UNK n 
1 319 UNK n 
1 320 UNK n 
1 321 UNK n 
1 322 UNK n 
1 323 UNK n 
1 324 UNK n 
1 325 UNK n 
1 326 UNK n 
1 327 UNK n 
1 328 UNK n 
1 329 UNK n 
1 330 UNK n 
1 331 UNK n 
1 332 UNK n 
1 333 UNK n 
1 334 UNK n 
1 335 UNK n 
1 336 UNK n 
1 337 UNK n 
1 338 UNK n 
1 339 UNK n 
1 340 UNK n 
1 341 UNK n 
1 342 UNK n 
1 343 UNK n 
1 344 UNK n 
1 345 UNK n 
1 346 UNK n 
1 347 UNK n 
1 348 UNK n 
1 349 UNK n 
1 350 UNK n 
1 351 UNK n 
1 352 UNK n 
1 353 UNK n 
1 354 UNK n 
1 355 UNK n 
1 356 UNK n 
1 357 UNK n 
1 358 UNK n 
1 359 UNK n 
1 360 UNK n 
1 361 UNK n 
1 362 UNK n 
1 363 UNK n 
1 364 UNK n 
1 365 UNK n 
1 366 UNK n 
1 367 UNK n 
1 368 UNK n 
1 369 UNK n 
1 370 UNK n 
1 371 UNK n 
1 372 UNK n 
1 373 UNK n 
1 374 UNK n 
1 375 UNK n 
1 376 UNK n 
1 377 UNK n 
1 378 UNK n 
1 379 UNK n 
1 380 UNK n 
1 381 UNK n 
1 382 UNK n 
1 383 UNK n 
1 384 UNK n 
1 385 UNK n 
1 386 UNK n 
1 387 UNK n 
1 388 UNK n 
1 389 UNK n 
1 390 UNK n 
1 391 UNK n 
1 392 UNK n 
1 393 UNK n 
1 394 UNK n 
1 395 UNK n 
1 396 UNK n 
1 397 UNK n 
1 398 UNK n 
1 399 UNK n 
1 400 UNK n 
1 401 UNK n 
1 402 UNK n 
1 403 UNK n 
1 404 UNK n 
1 405 UNK n 
1 406 UNK n 
1 407 UNK n 
1 408 UNK n 
1 409 UNK n 
1 410 UNK n 
1 411 UNK n 
1 412 UNK n 
1 413 UNK n 
1 414 UNK n 
1 415 UNK n 
1 416 UNK n 
1 417 UNK n 
1 418 UNK n 
1 419 UNK n 
1 420 UNK n 
1 421 UNK n 
1 422 UNK n 
1 423 UNK n 
1 424 UNK n 
1 425 UNK n 
1 426 UNK n 
1 427 UNK n 
1 428 UNK n 
1 429 UNK n 
1 430 UNK n 
1 431 UNK n 
1 432 UNK n 
# 
_entity_src_gen.entity_id                          1 
_entity_src_gen.pdbx_src_id                        1 
_entity_src_gen.pdbx_alt_source_flag               sample 
_entity_src_gen.pdbx_seq_type                      ? 
_entity_src_gen.pdbx_beg_seq_num                   ? 
_entity_src_gen.pdbx_end_seq_num                   ? 
_entity_src_gen.gene_src_common_name               'domestic cat' 
_entity_src_gen.gene_src_genus                     ? 
_entity_src_gen.pdbx_gene_src_gene                 ? 
_entity_src_gen.gene_src_species                   ? 
_entity_src_gen.gene_src_strain                    ? 
_entity_src_gen.gene_src_tissue                    ? 
_entity_src_gen.gene_src_tissue_fraction           ? 
_entity_src_gen.gene_src_details                   ? 
_entity_src_gen.pdbx_gene_src_fragment             ? 
_entity_src_gen.pdbx_gene_src_scientific_name      'Felis catus' 
_entity_src_gen.pdbx_gene_src_ncbi_taxonomy_id     9685 
_entity_src_gen.pdbx_gene_src_variant              ? 
_entity_src_gen.pdbx_gene_src_cell_line            ? 
_entity_src_gen.pdbx_gene_src_atcc                 ? 
_entity_src_gen.pdbx_gene_src_organ                ? 
_entity_src_gen.pdbx_gene_src_organelle            ? 
_entity_src_gen.pdbx_gene_src_cell                 ? 
_entity_src_gen.pdbx_gene_src_cellular_location    ? 
_entity_src_gen.host_org_common_name               ? 
_entity_src_gen.pdbx_host_org_scientific_name      ? 
_entity_src_gen.pdbx_host_org_ncbi_taxonomy_id     ? 
_entity_src_gen.host_org_genus                     ? 
_entity_src_gen.pdbx_host_org_gene                 ? 
_entity_src_gen.pdbx_host_org_organ                ? 
_entity_src_gen.host_org_species                   ? 
_entity_src_gen.pdbx_host_org_tissue               ? 
_entity_src_gen.pdbx_host_org_tissue_fraction      ? 
_entity_src_gen.pdbx_host_org_strain               ? 
_entity_src_gen.pdbx_host_org_variant              ? 
_entity_src_gen.pdbx_host_org_cell_line            ? 
_entity_src_gen.pdbx_host_org_atcc                 ? 
_entity_src_gen.pdbx_host_org_culture_collection   ? 
_entity_src_gen.pdbx_host_org_cell                 ? 
_entity_src_gen.pdbx_host_org_organelle            ? 
_entity_src_gen.pdbx_host_org_cellular_location    ? 
_entity_src_gen.pdbx_host_org_vector_type          ? 
_entity_src_gen.pdbx_host_org_vector               ? 
_entity_src_gen.host_org_details                   ? 
_entity_src_gen.expression_system_id               ? 
_entity_src_gen.plasmid_name                       ? 
_entity_src_gen.plasmid_details                    ? 
_entity_src_gen.pdbx_description                   ? 
# 
_chem_comp.id               UNK 
_chem_comp.type             'L-peptide linking' 
_chem_comp.mon_nstd_flag    . 
_chem_comp.name             UNKNOWN 
_chem_comp.pdbx_synonyms    ? 
_chem_comp.formula          'C4 H9 N O2' 
_chem_comp.formula_weight   103.120 
# 
loop_
_pdbx_poly_seq_scheme.asym_id 
_pdbx_poly_seq_scheme.entity_id 
_pdbx_poly_seq_scheme.seq_id 
_pdbx_poly_seq_scheme.mon_id 
_pdbx_poly_seq_scheme.ndb_seq_num 
_pdbx_poly_seq_scheme.pdb_seq_num 
_pdbx_poly_seq_scheme.auth_seq_num 
_pdbx_poly_seq_scheme.pdb_mon_id 
_pdbx_poly_seq_scheme.auth_mon_id 
_pdbx_poly_seq_scheme.pdb_strand_id 
_pdbx_poly_seq_scheme.pdb_ins_code 
_pdbx_poly_seq_scheme.hetero 
A 1 1   UNK 1   1   1   UNK UNK A . n 
A 1 2   UNK 2   2   2   UNK UNK A . n 
A 1 3   UNK 3   3   3   UNK UNK A . n 
A 1 4   UNK 4   4   4   UNK UNK A . n 
A 1 5   UNK 5   5   5   UNK UNK A . n 
A 1 6   UNK 6   6   6   UNK UNK A . n 
A 1 7   UNK 7   7   7   UNK UNK A . n 
A 1 8   UNK 8   8   8   UNK UNK A . n 
A 1 9   UNK 9   9   9   UNK UNK A . n 
A 1 10  UNK 10  10  10  UNK UNK A . n 
A 1 11  UNK 11  11  11  UNK UNK A . n 
A 1 12  UNK 12  12  12  UNK UNK A . n 
A 1 13  UNK 13  13  13  UNK UNK A . n 
A 1 14  UNK 14  14  14  UNK UNK A . n 
A 1 15  UNK 15  15  15  UNK UNK A . n 
A 1 16  UNK 16  16  16  UNK UNK A . n 
A 1 17  UNK 17  17  17  UNK UNK A . n 
A 1 18  UNK 18  18  18  UNK UNK A . n 
A 1 19  UNK 19  19  19  UNK UNK A . n 
A 1 20  UNK 20  20  20  UNK UNK A . n 
A 1 21  UNK 21  21  21  UNK UNK A . n 
A 1 22  UNK 22  22  22  UNK UNK A . n 
A 1 23  UNK 23  23  23  UNK UNK A . n 
A 1 24  UNK 24  24  24  UNK UNK A . n 
A 1 25  UNK 25  25  25  UNK UNK A . n 
A 1 26  UNK 26  26  26  UNK UNK A . n 
A 1 27  UNK 27  27  27  UNK UNK A . n 
A 1 28  UNK 28  28  28  UNK UNK A . n 
A 1 29  UNK 29  29  29  UNK UNK A . n 
A 1 30  UNK 30  30  30  UNK UNK A . n 
A 1 31  UNK 31  31  31  UNK UNK A . n 
A 1 32  UNK 32  32  32  UNK UNK A . n 
A 1 33  UNK 33  33  33  UNK UNK A . n 
A 1 34  UNK 34  34  34  UNK UNK A . n 
A 1 35  UNK 35  35  35  UNK UNK A . n 
A 1 36  UNK 36  36  36  UNK UNK A . n 
A 1 37  UNK 37  37  37  UNK UNK A . n 
A 1 38  UNK 38  38  38  UNK UNK A . n 
A 1 39  UNK 39  39  39  UNK UNK A . n 
A 1 40  UNK 40  40  40  UNK UNK A . n 
A 1 41  UNK 41  41  41  UNK UNK A . n 
A 1 42  UNK 42  42  42  UNK UNK A . n 
A 1 43  UNK 43  43  43  UNK UNK A . n 
A 1 44  UNK 44  44  44  UNK UNK A . n 
A 1 45  UNK 45  45  45  UNK UNK A . n 
A 1 46  UNK 46  46  46  UNK UNK A . n 
A 1 47  UNK 47  47  47  UNK UNK A . n 
A 1 48  UNK 48  48  48  UNK UNK A . n 
A 1 49  UNK 49  49  49  UNK UNK A . n 
A 1 50  UNK 50  50  50  UNK UNK A . n 
A 1 51  UNK 51  51  51  UNK UNK A . n 
A 1 52  UNK 52  52  52  UNK UNK A . n 
A 1 53  UNK 53  53  53  UNK UNK A . n 
A 1 54  UNK 54  54  54  UNK UNK A . n 
A 1 55  UNK 55  55  55  UNK UNK A . n 
A 1 56  UNK 56  56  56  UNK UNK A . n 
A 1 57  UNK 57  57  57  UNK UNK A . n 
A 1 58  UNK 58  58  58  UNK UNK A . n 
A 1 59  UNK 59  59  59  UNK UNK A . n 
A 1 60  UNK 60  60  60  UNK UNK A . n 
A 1 61  UNK 61  61  61  UNK UNK A . n 
A 1 62  UNK 62  62  62  UNK UNK A . n 
A 1 63  UNK 63  63  63  UNK UNK A . n 
A 1 64  UNK 64  64  64  UNK UNK A . n 
A 1 65  UNK 65  65  65  UNK UNK A . n 
A 1 66  UNK 66  66  66  UNK UNK A . n 
A 1 67  UNK 67  67  67  UNK UNK A . n 
A 1 68  UNK 68  68  68  UNK UNK A . n 
A 1 69  UNK 69  69  69  UNK UNK A . n 
A 1 70  UNK 70  70  70  UNK UNK A . n 
A 1 71  UNK 71  71  71  UNK UNK A . n 
A 1 72  UNK 72  72  72  UNK UNK A . n 
A 1 73  UNK 73  73  73  UNK UNK A . n 
A 1 74  UNK 74  74  74  UNK UNK A . n 
A 1 75  UNK 75  75  75  UNK UNK A . n 
A 1 76  UNK 76  76  76  UNK UNK A . n 
A 1 77  UNK 77  77  77  UNK UNK A . n 
A 1 78  UNK 78  78  78  UNK UNK A . n 
A 1 79  UNK 79  79  79  UNK UNK A . n 
A 1 80  UNK 80  80  80  UNK UNK A . n 
A 1 81  UNK 81  81  81  UNK UNK A . n 
A 1 82  UNK 82  82  82  UNK UNK A . n 
A 1 83  UNK 83  83  83  UNK UNK A . n 
A 1 84  UNK 84  84  84  UNK UNK A . n 
A 1 85  UNK 85  85  85  UNK UNK A . n 
A 1 86  UNK 86  86  86  UNK UNK A . n 
A 1 87  UNK 87  87  87  UNK UNK A . n 
A 1 88  UNK 88  88  88  UNK UNK A . n 
A 1 89  UNK 89  89  89  UNK UNK A . n 
A 1 90  UNK 90  90  90  UNK UNK A . n 
A 1 91  UNK 91  91  91  UNK UNK A . n 
A 1 92  UNK 92  92  92  UNK UNK A . n 
A 1 93  UNK 93  93  93  UNK UNK A . n 
A 1 94  UNK 94  94  94  UNK UNK A . n 
A 1 95  UNK 95  95  95  UNK UNK A . n 
A 1 96  UNK 96  96  96  UNK UNK A . n 
A 1 97  UNK 97  97  97  UNK UNK A . n 
A 1 98  UNK 98  98  98  UNK UNK A . n 
A 1 99  UNK 99  99  99  UNK UNK A . n 
A 1 100 UNK 100 100 100 UNK UNK A . n 
A 1 101 UNK 101 101 101 UNK UNK A . n 
A 1 102 UNK 102 102 102 UNK UNK A . n 
A 1 103 UNK 103 103 103 UNK UNK A . n 
A 1 104 UNK 104 104 104 UNK UNK A . n 
A 1 105 UNK 105 105 105 UNK UNK A . n 
A 1 106 UNK 106 106 106 UNK UNK A . n 
A 1 107 UNK 107 107 107 UNK UNK A . n 
A 1 108 UNK 108 108 108 UNK UNK A . n 
A 1 109 UNK 109 109 109 UNK UNK A . n 
A 1 110 UNK 110 110 110 UNK UNK A . n 
A 1 111 UNK 111 111 111 UNK UNK A . n 
A 1 112 UNK 112 112 112 UNK UNK A . n 
A 1 113 UNK 113 113 113 UNK UNK A . n 
A 1 114 UNK 114 114 114 UNK UNK A . n 
A 1 115 UNK 115 115 115 UNK UNK A . n 
A 1 116 UNK 116 116 116 UNK UNK A . n 
A 1 117 UNK 117 117 117 UNK UNK A . n 
A 1 118 UNK 118 118 118 UNK UNK A . n 
A 1 119 UNK 119 119 119 UNK UNK A . n 
A 1 120 UNK 120 120 120 UNK UNK A . n 
A 1 121 UNK 121 121 121 UNK UNK A . n 
A 1 122 UNK 122 122 122 UNK UNK A . n 
A 1 123 UNK 123 123 123 UNK UNK A . n 
A 1 124 UNK 124 124 124 UNK UNK A . n 
A 1 125 UNK 125 125 125 UNK UNK A . n 
A 1 126 UNK 126 126 126 UNK UNK A . n 
A 1 127 UNK 127 127 127 UNK UNK A . n 
A 1 128 UNK 128 128 128 UNK UNK A . n 
A 1 129 UNK 129 129 129 UNK UNK A . n 
A 1 130 UNK 130 130 130 UNK UNK A . n 
A 1 131 UNK 131 131 131 UNK UNK A . n 
A 1 132 UNK 132 132 132 UNK UNK A . n 
A 1 133 UNK 133 133 133 UNK UNK A . n 
A 1 134 UNK 134 134 134 UNK UNK A . n 
A 1 135 UNK 135 135 135 UNK UNK A . n 
A 1 136 UNK 136 136 136 UNK UNK A . n 
A 1 137 UNK 137 137 137 UNK UNK A . n 
A 1 138 UNK 138 138 138 UNK UNK A . n 
A 1 139 UNK 139 139 139 UNK UNK A . n 
A 1 140 UNK 140 140 140 UNK UNK A . n 
A 1 141 UNK 141 141 141 UNK UNK A . n 
A 1 142 UNK 142 142 142 UNK UNK A . n 
A 1 143 UNK 143 143 143 UNK UNK A . n 
A 1 144 UNK 144 144 144 UNK UNK A . n 
A 1 145 UNK 145 145 145 UNK UNK A . n 
A 1 146 UNK 146 146 146 UNK UNK A . n 
A 1 147 UNK 147 147 147 UNK UNK A . n 
A 1 148 UNK 148 148 148 UNK UNK A . n 
A 1 149 UNK 149 149 149 UNK UNK A . n 
A 1 150 UNK 150 150 150 UNK UNK A . n 
A 1 151 UNK 151 151 151 UNK UNK A . n 
A 1 152 UNK 152 152 152 UNK UNK A . n 
A 1 153 UNK 153 153 153 UNK UNK A . n 
A 1 154 UNK 154 154 154 UNK UNK A . n 
A 1 155 UNK 155 155 155 UNK UNK A . n 
A 1 156 UNK 156 156 156 UNK UNK A . n 
A 1 157 UNK 157 157 157 UNK UNK A . n 
A 1 158 UNK 158 158 158 UNK UNK A . n 
A 1 159 UNK 159 159 159 UNK UNK A . n 
A 1 160 UNK 160 160 160 UNK UNK A . n 
A 1 161 UNK 161 161 161 UNK UNK A . n 
A 1 162 UNK 162 162 162 UNK UNK A . n 
A 1 163 UNK 163 163 163 UNK UNK A . n 
A 1 164 UNK 164 164 164 UNK UNK A . n 
A 1 165 UNK 165 165 165 UNK UNK A . n 
A 1 166 UNK 166 166 166 UNK UNK A . n 
A 1 167 UNK 167 167 167 UNK UNK A . n 
A 1 168 UNK 168 168 168 UNK UNK A . n 
A 1 169 UNK 169 169 169 UNK UNK A . n 
A 1 170 UNK 170 170 170 UNK UNK A . n 
A 1 171 UNK 171 171 171 UNK UNK A . n 
A 1 172 UNK 172 172 172 UNK UNK A . n 
A 1 173 UNK 173 173 173 UNK UNK A . n 
A 1 174 UNK 174 174 174 UNK UNK A . n 
A 1 175 UNK 175 175 175 UNK UNK A . n 
A 1 176 UNK 176 176 176 UNK UNK A . n 
A 1 177 UNK 177 177 177 UNK UNK A . n 
A 1 178 UNK 178 178 178 UNK UNK A . n 
A 1 179 UNK 179 179 179 UNK UNK A . n 
A 1 180 UNK 180 180 180 UNK UNK A . n 
A 1 181 UNK 181 181 181 UNK UNK A . n 
A 1 182 UNK 182 182 182 UNK UNK A . n 
A 1 183 UNK 183 183 183 UNK UNK A . n 
A 1 184 UNK 184 184 184 UNK UNK A . n 
A 1 185 UNK 185 185 185 UNK UNK A . n 
A 1 186 UNK 186 186 186 UNK UNK A . n 
A 1 187 UNK 187 187 187 UNK UNK A . n 
A 1 188 UNK 188 188 188 UNK UNK A . n 
A 1 189 UNK 189 189 189 UNK UNK A . n 
A 1 190 UNK 190 190 190 UNK UNK A . n 
A 1 191 UNK 191 191 191 UNK UNK A . n 
A 1 192 UNK 192 192 192 UNK UNK A . n 
A 1 193 UNK 193 193 193 UNK UNK A . n 
A 1 194 UNK 194 194 194 UNK UNK A . n 
A 1 195 UNK 195 195 195 UNK UNK A . n 
A 1 196 UNK 196 196 196 UNK UNK A . n 
A 1 197 UNK 197 197 197 UNK UNK A . n 
A 1 198 UNK 198 198 198 UNK UNK A . n 
A 1 199 UNK 199 199 199 UNK UNK A . n 
A 1 200 UNK 200 200 200 UNK UNK A . n 
A 1 201 UNK 201 201 201 UNK UNK A . n 
A 1 202 UNK 202 202 202 UNK UNK A . n 
A 1 203 UNK 203 203 203 UNK UNK A . n 
A 1 204 UNK 204 204 204 UNK UNK A . n 
A 1 205 UNK 205 205 205 UNK UNK A . n 
A 1 206 UNK 206 206 206 UNK UNK A . n 
A 1 207 UNK 207 207 207 UNK UNK A . n 
A 1 208 UNK 208 208 208 UNK UNK A . n 
A 1 209 UNK 209 209 209 UNK UNK A . n 
A 1 210 UNK 210 210 210 UNK UNK A . n 
A 1 211 UNK 211 211 211 UNK UNK A . n 
A 1 212 UNK 212 212 212 UNK UNK A . n 
A 1 213 UNK 213 213 213 UNK UNK A . n 
A 1 214 UNK 214 214 214 UNK UNK A . n 
A 1 215 UNK 215 215 215 UNK UNK A . n 
A 1 216 UNK 216 216 216 UNK UNK A . n 
A 1 217 UNK 217 217 217 UNK UNK A . n 
A 1 218 UNK 218 218 218 UNK UNK A . n 
A 1 219 UNK 219 219 219 UNK UNK A . n 
A 1 220 UNK 220 220 220 UNK UNK A . n 
A 1 221 UNK 221 221 221 UNK UNK A . n 
A 1 222 UNK 222 222 222 UNK UNK A . n 
A 1 223 UNK 223 223 223 UNK UNK A . n 
A 1 224 UNK 224 224 224 UNK UNK A . n 
A 1 225 UNK 225 225 225 UNK UNK A . n 
A 1 226 UNK 226 226 226 UNK UNK A . n 
A 1 227 UNK 227 227 227 UNK UNK A . n 
A 1 228 UNK 228 228 228 UNK UNK A . n 
A 1 229 UNK 229 229 229 UNK UNK A . n 
A 1 230 UNK 230 230 230 UNK UNK A . n 
A 1 231 UNK 231 231 231 UNK UNK A . n 
A 1 232 UNK 232 232 232 UNK UNK A . n 
A 1 233 UNK 233 233 233 UNK UNK A . n 
A 1 234 UNK 234 234 234 UNK UNK A . n 
A 1 235 UNK 235 235 235 UNK UNK A . n 
A 1 236 UNK 236 236 236 UNK UNK A . n 
A 1 237 UNK 237 237 237 UNK UNK A . n 
A 1 238 UNK 238 238 238 UNK UNK A . n 
A 1 239 UNK 239 239 239 UNK UNK A . n 
A 1 240 UNK 240 240 240 UNK UNK A . n 
A 1 241 UNK 241 241 241 UNK UNK A . n 
A 1 242 UNK 242 242 242 UNK UNK A . n 
A 1 243 UNK 243 243 243 UNK UNK A . n 
A 1 244 UNK 244 244 244 UNK UNK A . n 
A 1 245 UNK 245 245 245 UNK UNK A . n 
A 1 246 UNK 246 246 246 UNK UNK A . n 
A 1 247 UNK 247 247 247 UNK UNK A . n 
A 1 248 UNK 248 248 248 UNK UNK A . n 
A 1 249 UNK 249 249 249 UNK UNK A . n 
A 1 250 UNK 250 250 250 UNK UNK A . n 
A 1 251 UNK 251 251 251 UNK UNK A . n 
A 1 252 UNK 252 252 252 UNK UNK A . n 
A 1 253 UNK 253 253 253 UNK UNK A . n 
A 1 254 UNK 254 254 254 UNK UNK A . n 
A 1 255 UNK 255 255 255 UNK UNK A . n 
A 1 256 UNK 256 256 256 UNK UNK A . n 
A 1 257 UNK 257 257 257 UNK UNK A . n 
A 1 258 UNK 258 258 258 UNK UNK A . n 
A 1 259 UNK 259 259 259 UNK UNK A . n 
A 1 260 UNK 260 260 260 UNK UNK A . n 
A 1 261 UNK 261 261 261 UNK UNK A . n 
A 1 262 UNK 262 262 262 UNK UNK A . n 
A 1 263 UNK 263 263 263 UNK UNK A . n 
A 1 264 UNK 264 264 264 UNK UNK A . n 
A 1 265 UNK 265 265 265 UNK UNK A . n 
A 1 266 UNK 266 266 266 UNK UNK A . n 
A 1 267 UNK 267 267 267 UNK UNK A . n 
A 1 268 UNK 268 268 268 UNK UNK A . n 
A 1 269 UNK 269 269 269 UNK UNK A . n 
A 1 270 UNK 270 270 270 UNK UNK A . n 
A 1 271 UNK 271 271 271 UNK UNK A . n 
A 1 272 UNK 272 272 272 UNK UNK A . n 
A 1 273 UNK 273 273 273 UNK UNK A . n 
A 1 274 UNK 274 274 274 UNK UNK A . n 
A 1 275 UNK 275 275 275 UNK UNK A . n 
A 1 276 UNK 276 276 276 UNK UNK A . n 
A 1 277 UNK 277 277 277 UNK UNK A . n 
A 1 278 UNK 278 278 278 UNK UNK A . n 
A 1 279 UNK 279 279 279 UNK UNK A . n 
A 1 280 UNK 280 280 280 UNK UNK A . n 
A 1 281 UNK 281 281 281 UNK UNK A . n 
A 1 282 UNK 282 282 282 UNK UNK A . n 
A 1 283 UNK 283 283 283 UNK UNK A . n 
A 1 284 UNK 284 284 284 UNK UNK A . n 
A 1 285 UNK 285 285 285 UNK UNK A . n 
A 1 286 UNK 286 286 286 UNK UNK A . n 
A 1 287 UNK 287 287 287 UNK UNK A . n 
A 1 288 UNK 288 288 288 UNK UNK A . n 
A 1 289 UNK 289 289 289 UNK UNK A . n 
A 1 290 UNK 290 290 290 UNK UNK A . n 
A 1 291 UNK 291 291 291 UNK UNK A . n 
A 1 292 UNK 292 292 292 UNK UNK A . n 
A 1 293 UNK 293 293 293 UNK UNK A . n 
A 1 294 UNK 294 294 294 UNK UNK A . n 
A 1 295 UNK 295 295 295 UNK UNK A . n 
A 1 296 UNK 296 296 296 UNK UNK A . n 
A 1 297 UNK 297 297 297 UNK UNK A . n 
A 1 298 UNK 298 298 298 UNK UNK A . n 
A 1 299 UNK 299 299 299 UNK UNK A . n 
A 1 300 UNK 300 300 300 UNK UNK A . n 
A 1 301 UNK 301 301 301 UNK UNK A . n 
A 1 302 UNK 302 302 302 UNK UNK A . n 
A 1 303 UNK 303 303 303 UNK UNK A . n 
A 1 304 UNK 304 304 304 UNK UNK A . n 
A 1 305 UNK 305 305 305 UNK UNK A . n 
A 1 306 UNK 306 306 306 UNK UNK A . n 
A 1 307 UNK 307 307 307 UNK UNK A . n 
A 1 308 UNK 308 308 308 UNK UNK A . n 
A 1 309 UNK 309 309 309 UNK UNK A . n 
A 1 310 UNK 310 310 310 UNK UNK A . n 
A 1 311 UNK 311 311 311 UNK UNK A . n 
A 1 312 UNK 312 312 312 UNK UNK A . n 
A 1 313 UNK 313 313 313 UNK UNK A . n 
A 1 314 UNK 314 314 314 UNK UNK A . n 
A 1 315 UNK 315 315 315 UNK UNK A . n 
A 1 316 UNK 316 316 316 UNK UNK A . n 
A 1 317 UNK 317 317 317 UNK UNK A . n 
A 1 318 UNK 318 318 318 UNK UNK A . n 
A 1 319 UNK 319 319 319 UNK UNK A . n 
A 1 320 UNK 320 320 320 UNK UNK A . n 
A 1 321 UNK 321 321 321 UNK UNK A . n 
A 1 322 UNK 322 322 322 UNK UNK A . n 
A 1 323 UNK 323 323 323 UNK UNK A . n 
A 1 324 UNK 324 324 324 UNK UNK A . n 
A 1 325 UNK 325 325 325 UNK UNK A . n 
A 1 326 UNK 326 326 326 UNK UNK A . n 
A 1 327 UNK 327 327 327 UNK UNK A . n 
A 1 328 UNK 328 328 328 UNK UNK A . n 
A 1 329 UNK 329 329 329 UNK UNK A . n 
A 1 330 UNK 330 330 330 UNK UNK A . n 
A 1 331 UNK 331 331 331 UNK UNK A . n 
A 1 332 UNK 332 332 332 UNK UNK A . n 
A 1 333 UNK 333 333 333 UNK UNK A . n 
A 1 334 UNK 334 334 334 UNK UNK A . n 
A 1 335 UNK 335 335 335 UNK UNK A . n 
A 1 336 UNK 336 336 336 UNK UNK A . n 
A 1 337 UNK 337 337 337 UNK UNK A . n 
A 1 338 UNK 338 338 338 UNK UNK A . n 
A 1 339 UNK 339 339 339 UNK UNK A . n 
A 1 340 UNK 340 340 340 UNK UNK A . n 
A 1 341 UNK 341 341 341 UNK UNK A . n 
A 1 342 UNK 342 342 342 UNK UNK A . n 
A 1 343 UNK 343 343 343 UNK UNK A . n 
A 1 344 UNK 344 344 344 UNK UNK A . n 
A 1 345 UNK 345 345 345 UNK UNK A . n 
A 1 346 UNK 346 346 346 UNK UNK A . n 
A 1 347 UNK 347 347 347 UNK UNK A . n 
A 1 348 UNK 348 348 348 UNK UNK A . n 
A 1 349 UNK 349 349 349 UNK UNK A . n 
A 1 350 UNK 350 350 350 UNK UNK A . n 
A 1 351 UNK 351 351 351 UNK UNK A . n 
A 1 352 UNK 352 352 352 UNK UNK A . n 
A 1 353 UNK 353 353 353 UNK UNK A . n 
A 1 354 UNK 354 354 354 UNK UNK A . n 
A 1 355 UNK 355 355 355 UNK UNK A . n 
A 1 356 UNK 356 356 356 UNK UNK A . n 
A 1 357 UNK 357 357 357 UNK UNK A . n 
A 1 358 UNK 358 358 358 UNK UNK A . n 
A 1 359 UNK 359 359 359 UNK UNK A . n 
A 1 360 UNK 360 360 360 UNK UNK A . n 
A 1 361 UNK 361 361 361 UNK UNK A . n 
A 1 362 UNK 362 362 362 UNK UNK A . n 
A 1 363 UNK 363 363 363 UNK UNK A . n 
A 1 364 UNK 364 364 364 UNK UNK A . n 
A 1 365 UNK 365 365 365 UNK UNK A . n 
A 1 366 UNK 366 366 366 UNK UNK A . n 
A 1 367 UNK 367 367 367 UNK UNK A . n 
A 1 368 UNK 368 368 368 UNK UNK A . n 
A 1 369 UNK 369 369 369 UNK UNK A . n 
A 1 370 UNK 370 370 370 UNK UNK A . n 
A 1 371 UNK 371 371 371 UNK UNK A . n 
A 1 372 UNK 372 372 372 UNK UNK A . n 
A 1 373 UNK 373 373 373 UNK UNK A . n 
A 1 374 UNK 374 374 374 UNK UNK A . n 
A 1 375 UNK 375 375 375 UNK UNK A . n 
A 1 376 UNK 376 376 376 UNK UNK A . n 
A 1 377 UNK 377 377 377 UNK UNK A . n 
A 1 378 UNK 378 378 378 UNK UNK A . n 
A 1 379 UNK 379 379 379 UNK UNK A . n 
A 1 380 UNK 380 380 380 UNK UNK A . n 
A 1 381 UNK 381 381 381 UNK UNK A . n 
A 1 382 UNK 382 382 382 UNK UNK A . n 
A 1 383 UNK 383 383 383 UNK UNK A . n 
A 1 384 UNK 384 384 384 UNK UNK A . n 
A 1 385 UNK 385 385 385 UNK UNK A . n 
A 1 386 UNK 386 386 386 UNK UNK A . n 
A 1 387 UNK 387 387 387 UNK UNK A . n 
A 1 388 UNK 388 388 388 UNK UNK A . n 
A 1 389 UNK 389 389 389 UNK UNK A . n 
A 1 390 UNK 390 390 390 UNK UNK A . n 
A 1 391 UNK 391 391 391 UNK UNK A . n 
A 1 392 UNK 392 392 392 UNK UNK A . n 
A 1 393 UNK 393 393 393 UNK UNK A . n 
A 1 394 UNK 394 394 394 UNK UNK A . n 
A 1 395 UNK 395 395 395 UNK UNK A . n 
A 1 396 UNK 396 396 396 UNK UNK A . n 
A 1 397 UNK 397 397 397 UNK UNK A . n 
A 1 398 UNK 398 398 398 UNK UNK A . n 
A 1 399 UNK 399 399 399 UNK UNK A . n 
A 1 400 UNK 400 400 400 UNK UNK A . n 
A 1 401 UNK 401 401 401 UNK UNK A . n 
A 1 402 UNK 402 402 402 UNK UNK A . n 
A 1 403 UNK 403 403 403 UNK UNK A . n 
A 1 404 UNK 404 404 404 UNK UNK A . n 
A 1 405 UNK 405 405 405 UNK UNK A . n 
A 1 406 UNK 406 406 406 UNK UNK A . n 
A 1 407 UNK 407 407 407 UNK UNK A . n 
A 1 408 UNK 408 408 408 UNK UNK A . n 
A 1 409 UNK 409 409 409 UNK UNK A . n 
A 1 410 UNK 410 410 410 UNK UNK A . n 
A 1 411 UNK 411 411 411 UNK UNK A . n 
A 1 412 UNK 412 412 412 UNK UNK A . n 
A 1 413 UNK 413 413 413 UNK UNK A . n 
A 1 414 UNK 414 414 414 UNK UNK A . n 
A 1 415 UNK 415 415 415 UNK UNK A . n 
A 1 416 UNK 416 416 416 UNK UNK A . n 
A 1 417 UNK 417 417 417 UNK UNK A . n 
A 1 418 UNK 418 418 418 UNK UNK A . n 
A 1 419 UNK 419 419 419 UNK UNK A . n 
A 1 420 UNK 420 420 420 UNK UNK A . n 
A 1 421 UNK 421 421 421 UNK UNK A . n 
A 1 422 UNK 422 422 422 UNK UNK A . n 
A 1 423 UNK 423 423 423 UNK UNK A . n 
A 1 424 UNK 424 424 424 UNK UNK A . n 
A 1 425 UNK 425 425 425 UNK UNK A . n 
A 1 426 UNK 426 426 426 UNK UNK A . n 
A 1 427 UNK 427 427 427 UNK UNK A . n 
A 1 428 UNK 428 428 428 UNK UNK A . n 
A 1 429 UNK 429 429 429 UNK UNK A . n 
A 1 430 UNK 430 430 430 UNK UNK A . n 
A 1 431 UNK 431 431 431 UNK UNK A . n 
A 1 432 UNK 432 432 432 UNK UNK A . n 
# 
_cell.entry_id           1PYK 
_cell.length_a           88.400 
_cell.length_b           115.300 
_cell.length_c           131.000 
_cell.angle_alpha        90.00 
_cell.angle_beta         90.00 
_cell.angle_gamma        90.00 
_cell.Z_PDB              8 
_cell.pdbx_unique_axis   ? 
# 
_symmetry.entry_id                         1PYK 
_symmetry.space_group_name_H-M             'I 2 2 2' 
_symmetry.pdbx_full_space_group_name_H-M   ? 
_symmetry.cell_setting                     ? 
_symmetry.Int_Tables_number                23 
# 
_exptl.entry_id          1PYK 
_exptl.method            'X-RAY DIFFRACTION' 
_exptl.crystals_number   ? 
# 
_exptl_crystal.id                    1 
_exptl_crystal.density_meas          ? 
_exptl_crystal.density_Matthews      4.54 
_exptl_crystal.density_percent_sol   72.89 
_exptl_crystal.description           ? 
# 
_diffrn.id                     1 
_diffrn.ambient_temp           ? 
_diffrn.ambient_temp_details   ? 
_diffrn.crystal_id             1 
# 
_diffrn_radiation.diffrn_id                        1 
_diffrn_radiation.wavelength_id                    1 
_diffrn_radiation.pdbx_monochromatic_or_laue_m_l   ? 
_diffrn_radiation.monochromator                    ? 
_diffrn_radiation.pdbx_diffrn_protocol             ? 
_diffrn_radiation.pdbx_scattering_type             x-ray 
# 
_diffrn_radiation_wavelength.id           1 
_diffrn_radiation_wavelength.wavelength   . 
_diffrn_radiation_wavelength.wt           1.0 
# 
_refine.entry_id                                 1PYK 
_refine.ls_number_reflns_obs                     ? 
_refine.ls_number_reflns_all                     ? 
_refine.pdbx_ls_sigma_I                          ? 
_refine.pdbx_ls_sigma_F                          ? 
_refine.pdbx_data_cutoff_high_absF               ? 
_refine.pdbx_data_cutoff_low_absF                ? 
_refine.pdbx_data_cutoff_high_rms_absF           ? 
_refine.ls_d_res_low                             ? 
_refine.ls_d_res_high                            2.6 
_refine.ls_percent_reflns_obs                    ? 
_refine.ls_R_factor_obs                          ? 
_refine.ls_R_factor_all                          ? 
_refine.ls_R_factor_R_work                       ? 
_refine.ls_R_factor_R_free                       ? 
_refine.ls_R_factor_R_free_error                 ? 
_refine.ls_R_factor_R_free_error_details         ? 
_refine.ls_percent_reflns_R_free                 ? 
_refine.ls_number_reflns_R_free                  ? 
_refine.ls_number_parameters                     ? 
_refine.ls_number_restraints                     ? 
_refine.occupancy_min                            ? 
_refine.occupancy_max                            ? 
_refine.B_iso_mean                               ? 
_refine.aniso_B[1][1]                            ? 
_refine.aniso_B[2][2]                            ? 
_refine.aniso_B[3][3]                            ? 
_refine.aniso_B[1][2]                            ? 
_refine.aniso_B[1][3]                            ? 
_refine.aniso_B[2][3]                            ? 
_refine.solvent_model_details                    ? 
_refine.solvent_model_param_ksol                 ? 
_refine.solvent_model_param_bsol                 ? 
_refine.pdbx_ls_cross_valid_method               ? 
_refine.details                                  
;THE INTERPRETATION OF THOSE REGIONS OF THE MAP WHICH
DEFINE LOOPS OF CHAIN CONNECTING SECONDARY STRUCTURAL
ELEMENTS MUST BE CONSIDERED TENTATIVE, SINCE A RANGE
OF CONFORMATIONS COULD SOMETIMES BE FITTED TO THE ELECTRON
DENSITY AND RESIDUES MAY HAVE BEEN OMITTED.  HOWEVER THE
COURSE OF THE POLYPEPTIDE CHAIN WAS NOT IN DOUBT IN DOMAINS
A AND C.  THE COURSE OF THE CHAIN IN DOMAIN B IS LESS
CERTAIN.  APPROXIMATELY 550 RESIDUES WOULD BE EXPECTED FROM
THE MOLECULAR WEIGHT AND 432 ARE PRESENT IN THE MODEL.

THE CONNECTIVITY OF DOMAIN B IS UNCERTAIN.
;
_refine.pdbx_starting_model                      ? 
_refine.pdbx_method_to_determine_struct          ? 
_refine.pdbx_isotropic_thermal_model             ? 
_refine.pdbx_stereochemistry_target_values       ? 
_refine.pdbx_stereochem_target_val_spec_case     ? 
_refine.pdbx_R_Free_selection_details            ? 
_refine.pdbx_overall_ESU_R                       ? 
_refine.pdbx_overall_ESU_R_Free                  ? 
_refine.overall_SU_ML                            ? 
_refine.overall_SU_B                             ? 
_refine.pdbx_refine_id                           'X-RAY DIFFRACTION' 
_refine.pdbx_diffrn_id                           1 
_refine.pdbx_TLS_residual_ADP_flag               ? 
_refine.correlation_coeff_Fo_to_Fc               ? 
_refine.correlation_coeff_Fo_to_Fc_free          ? 
_refine.pdbx_solvent_vdw_probe_radii             ? 
_refine.pdbx_solvent_ion_probe_radii             ? 
_refine.pdbx_solvent_shrinkage_radii             ? 
_refine.pdbx_overall_phase_error                 ? 
_refine.overall_SU_R_Cruickshank_DPI             ? 
_refine.pdbx_overall_SU_R_free_Cruickshank_DPI   ? 
_refine.pdbx_overall_SU_R_Blow_DPI               ? 
_refine.pdbx_overall_SU_R_free_Blow_DPI          ? 
# 
_refine_hist.pdbx_refine_id                   'X-RAY DIFFRACTION' 
_refine_hist.cycle_id                         LAST 
_refine_hist.pdbx_number_atoms_protein        432 
_refine_hist.pdbx_number_atoms_nucleic_acid   0 
_refine_hist.pdbx_number_atoms_ligand         0 
_refine_hist.number_atoms_solvent             0 
_refine_hist.number_atoms_total               432 
_refine_hist.d_res_high                       2.6 
_refine_hist.d_res_low                        . 
# 
_struct.entry_id                  1PYK 
_struct.title                     'CRYSTAL STRUCTURE OF CAT MUSCLE PYRUVATE KINASE AT A RESOLUTION OF 2.6 ANGSTROMS' 
_struct.pdbx_model_details        ? 
_struct.pdbx_CASP_flag            ? 
_struct.pdbx_model_type_details   ? 
# 
_struct_keywords.entry_id        1PYK 
_struct_keywords.pdbx_keywords   'TRANSFERASE(PHOSPHO,ALCOHOL ACCEPTOR)' 
_struct_keywords.text            'TRANSFERASE(PHOSPHO, ALCOHOL ACCEPTOR)' 
# 
_struct_asym.id                            A 
_struct_asym.pdbx_blank_PDB_chainid_flag   N 
_struct_asym.pdbx_modified                 N 
_struct_asym.entity_id                     1 
_struct_asym.details                       ? 
# 
_struct_ref.id                         1 
_struct_ref.entity_id                  1 
_struct_ref.db_name                    PDB 
_struct_ref.db_code                    1PYK 
_struct_ref.pdbx_db_accession          1PYK 
_struct_ref.pdbx_db_isoform            ? 
_struct_ref.pdbx_seq_one_letter_code   ? 
_struct_ref.pdbx_align_begin           ? 
# 
_struct_ref_seq.align_id                      1 
_struct_ref_seq.ref_id                        1 
_struct_ref_seq.pdbx_PDB_id_code              1PYK 
_struct_ref_seq.pdbx_strand_id                A 
_struct_ref_seq.seq_align_beg                 1 
_struct_ref_seq.pdbx_seq_align_beg_ins_code   ? 
_struct_ref_seq.seq_align_end                 432 
_struct_ref_seq.pdbx_seq_align_end_ins_code   ? 
_struct_ref_seq.pdbx_db_accession             1PYK 
_struct_ref_seq.db_align_beg                  1 
_struct_ref_seq.pdbx_db_align_beg_ins_code    ? 
_struct_ref_seq.db_align_end                  432 
_struct_ref_seq.pdbx_db_align_end_ins_code    ? 
_struct_ref_seq.pdbx_auth_seq_align_beg       1 
_struct_ref_seq.pdbx_auth_seq_align_end       432 
# 
_pdbx_struct_assembly.id                   1 
_pdbx_struct_assembly.details              author_defined_assembly 
_pdbx_struct_assembly.method_details       ? 
_pdbx_struct_assembly.oligomeric_details   tetrameric 
_pdbx_struct_assembly.oligomeric_count     4 
# 
_pdbx_struct_assembly_gen.assembly_id       1 
_pdbx_struct_assembly_gen.oper_expression   1,2,3,4 
_pdbx_struct_assembly_gen.asym_id_list      A 
# 
loop_
_pdbx_struct_oper_list.id 
_pdbx_struct_oper_list.type 
_pdbx_struct_oper_list.name 
_pdbx_struct_oper_list.symmetry_operation 
_pdbx_struct_oper_list.matrix[1][1] 
_pdbx_struct_oper_list.matrix[1][2] 
_pdbx_struct_oper_list.matrix[1][3] 
_pdbx_struct_oper_list.vector[1] 
_pdbx_struct_oper_list.matrix[2][1] 
_pdbx_struct_oper_list.matrix[2][2] 
_pdbx_struct_oper_list.matrix[2][3] 
_pdbx_struct_oper_list.vector[2] 
_pdbx_struct_oper_list.matrix[3][1] 
_pdbx_struct_oper_list.matrix[3][2] 
_pdbx_struct_oper_list.matrix[3][3] 
_pdbx_struct_oper_list.vector[3] 
1 'identity operation'         1_555 x,y,z   1.0000000000  0.0000000000  0.0000000000  0.0000000000  0.0000000000  1.0000000000  0.0000000000  0.0000000000  0.0000000000  0.0000000000  1.0000000000  0.0000000000   
2 'crystal symmetry operation' 2_555 -x,-y,z -0.4874485369 0.1261480358  -0.8639910862 31.0641720343 0.1261480358  -0.9689527236 -0.2126435808 2.6264710453  -0.8639910862 -0.2126435808 0.4564012605  18.8118966168  
3 'crystal symmetry operation' 4_555 x,-y,-z -0.6859054918 0.6699217608  0.2841451931  51.6575948042 0.6699217608  0.4288539081  0.6060438597  -8.2122324817 0.2841451931  0.6060438597  -0.7429484163 -37.7406123760 
4 'crystal symmetry operation' 3_555 -x,y,-z 0.1733540287  -0.7960697966 0.5798458931  37.4553487116 -0.7960697966 -0.4599011845 -0.3934002789 25.1255391515 0.5798458931  -0.3934002789 -0.7134528441 -41.2983893652 
# 
_struct_biol.id   1 
# 
loop_
_struct_conf.conf_type_id 
_struct_conf.id 
_struct_conf.pdbx_PDB_helix_id 
_struct_conf.beg_label_comp_id 
_struct_conf.beg_label_asym_id 
_struct_conf.beg_label_seq_id 
_struct_conf.pdbx_beg_PDB_ins_code 
_struct_conf.end_label_comp_id 
_struct_conf.end_label_asym_id 
_struct_conf.end_label_seq_id 
_struct_conf.pdbx_end_PDB_ins_code 
_struct_conf.beg_auth_comp_id 
_struct_conf.beg_auth_asym_id 
_struct_conf.beg_auth_seq_id 
_struct_conf.end_auth_comp_id 
_struct_conf.end_auth_asym_id 
_struct_conf.end_auth_seq_id 
_struct_conf.pdbx_PDB_helix_class 
_struct_conf.details 
_struct_conf.pdbx_PDB_helix_length 
HELX_P HELX_P1  1A UNK A 14  ? UNK A 20  ? UNK A 14  UNK A 20  1 'DOMAIN A'              7  
HELX_P HELX_P2  2A UNK A 36  ? UNK A 50  ? UNK A 36  UNK A 50  1 'DOMAIN A'              15 
HELX_P HELX_P3  3A UNK A 160 ? UNK A 167 ? UNK A 160 UNK A 167 1 'DOMAIN A'              8  
HELX_P HELX_P4  4A UNK A 180 ? UNK A 191 ? UNK A 180 UNK A 191 1 'DOMAIN A'              12 
HELX_P HELX_P5  5A UNK A 206 ? UNK A 216 ? UNK A 206 UNK A 216 1 'DOMAIN A, BENT AT 210' 11 
HELX_P HELX_P6  6A UNK A 231 ? UNK A 241 ? UNK A 231 UNK A 241 1 'DOMAIN A'              11 
HELX_P HELX_P7  7A UNK A 264 ? UNK A 276 ? UNK A 264 UNK A 276 1 'DOMAIN A'              13 
HELX_P HELX_P8  8A UNK A 289 ? UNK A 303 ? UNK A 289 UNK A 303 1 'DOMAIN A'              15 
HELX_P HELX_P9  1B UNK A 103 ? UNK A 107 ? UNK A 103 UNK A 107 1 'DOMAIN B'              5  
HELX_P HELX_P10 1C UNK A 310 ? UNK A 320 ? UNK A 310 UNK A 320 1 'DOMAIN C'              11 
HELX_P HELX_P11 2C UNK A 326 ? UNK A 341 ? UNK A 326 UNK A 341 1 'DOMAIN C'              16 
HELX_P HELX_P12 3C UNK A 352 ? UNK A 356 ? UNK A 352 UNK A 356 1 'DOMAIN C'              5  
HELX_P HELX_P13 4C UNK A 374 ? UNK A 381 ? UNK A 374 UNK A 381 1 'DOMAIN C'              8  
HELX_P HELX_P14 5C UNK A 396 ? UNK A 403 ? UNK A 396 UNK A 403 1 'DOMAIN C'              8  
# 
_struct_conf_type.id          HELX_P 
_struct_conf_type.criteria    ? 
_struct_conf_type.reference   ? 
# 
loop_
_struct_sheet.id 
_struct_sheet.type 
_struct_sheet.number_strands 
_struct_sheet.details 
BA ? 9 ? 
BC ? 5 ? 
# 
loop_
_struct_sheet_order.sheet_id 
_struct_sheet_order.range_id_1 
_struct_sheet_order.range_id_2 
_struct_sheet_order.offset 
_struct_sheet_order.sense 
BA 1 2 ? parallel      
BA 2 3 ? parallel      
BA 3 4 ? parallel      
BA 4 5 ? parallel      
BA 5 6 ? parallel      
BA 6 7 ? parallel      
BA 7 8 ? parallel      
BA 8 9 ? parallel      
BC 1 2 ? parallel      
BC 2 3 ? parallel      
BC 3 4 ? anti-parallel 
BC 4 5 ? anti-parallel 
# 
loop_
_struct_sheet_range.sheet_id 
_struct_sheet_range.id 
_struct_sheet_range.beg_label_comp_id 
_struct_sheet_range.beg_label_asym_id 
_struct_sheet_range.beg_label_seq_id 
_struct_sheet_range.pdbx_beg_PDB_ins_code 
_struct_sheet_range.end_label_comp_id 
_struct_sheet_range.end_label_asym_id 
_struct_sheet_range.end_label_seq_id 
_struct_sheet_range.pdbx_end_PDB_ins_code 
_struct_sheet_range.beg_auth_comp_id 
_struct_sheet_range.beg_auth_asym_id 
_struct_sheet_range.beg_auth_seq_id 
_struct_sheet_range.end_auth_comp_id 
_struct_sheet_range.end_auth_asym_id 
_struct_sheet_range.end_auth_seq_id 
BA 1 UNK A 5   ? UNK A 9   ? UNK A 5   UNK A 9   
BA 2 UNK A 25  ? UNK A 29  ? UNK A 25  UNK A 29  
BA 3 UNK A 62  ? UNK A 65  ? UNK A 62  UNK A 65  
BA 4 UNK A 173 ? UNK A 176 ? UNK A 173 UNK A 176 
BA 5 UNK A 196 ? UNK A 200 ? UNK A 196 UNK A 200 
BA 6 UNK A 219 ? UNK A 222 ? UNK A 219 UNK A 222 
BA 7 UNK A 247 ? UNK A 250 ? UNK A 247 UNK A 250 
BA 8 UNK A 279 ? UNK A 282 ? UNK A 279 UNK A 282 
BA 9 UNK A 5   ? UNK A 9   ? UNK A 5   UNK A 9   
BC 1 UNK A 385 ? UNK A 388 ? UNK A 385 UNK A 388 
BC 2 UNK A 366 ? UNK A 369 ? UNK A 366 UNK A 369 
BC 3 UNK A 345 ? UNK A 349 ? UNK A 345 UNK A 349 
BC 4 UNK A 426 ? UNK A 428 ? UNK A 426 UNK A 428 
BC 5 UNK A 416 ? UNK A 418 ? UNK A 416 UNK A 418 
# 
_pdbx_database_remark.id     700 
_pdbx_database_remark.text   
;SHEET
SHEET BA IS A CLOSED SHEET (BETA-BARREL) AND IS INDICATED
TO BE SUCH BY HAVING ITS FIRST AND LAST STRANDS IDENTICAL.
;
# 
_pdbx_coordinate_model.asym_id   A 
_pdbx_coordinate_model.type      'CA ATOMS ONLY' 
# 
_atom_sites.entry_id                    1PYK 
_atom_sites.fract_transf_matrix[1][1]   -0.00447810 
_atom_sites.fract_transf_matrix[1][2]   -0.00955119 
_atom_sites.fract_transf_matrix[1][3]   -0.00405111 
_atom_sites.fract_transf_matrix[2][1]   0.00666375 
_atom_sites.fract_transf_matrix[2][2]   -0.00452107 
_atom_sites.fract_transf_matrix[2][3]   0.00329308 
_atom_sites.fract_transf_matrix[3][1]   -0.00384740 
_atom_sites.fract_transf_matrix[3][2]   -0.00094691 
_atom_sites.fract_transf_matrix[3][3]   0.00648544 
_atom_sites.fract_transf_vector[1]      0.120202 
_atom_sites.fract_transf_vector[2]      -0.128539 
_atom_sites.fract_transf_vector[3]      0.217868 
# 
loop_
_atom_sites_footnote.id 
_atom_sites_footnote.text 
1 'THIS RESIDUE IS IN DOMAIN A'               
2 'THIS RESIDUE IS IN DOMAIN B, SEE REMARK 6' 
3 'THIS RESIDUE IS IN DOMAIN C'               
# 
_atom_type.symbol   C 
# 
loop_
_atom_site.group_PDB 
_atom_site.id 
_atom_site.type_symbol 
_atom_site.label_atom_id 
_atom_site.label_alt_id 
_atom_site.label_comp_id 
_atom_site.label_asym_id 
_atom_site.label_entity_id 
_atom_site.label_seq_id 
_atom_site.pdbx_PDB_ins_code 
_atom_site.Cartn_x 
_atom_site.Cartn_y 
_atom_site.Cartn_z 
_atom_site.occupancy 
_atom_site.B_iso_or_equiv 
_atom_site.pdbx_formal_charge 
_atom_site.auth_seq_id 
_atom_site.auth_comp_id 
_atom_site.auth_asym_id 
_atom_site.auth_atom_id 
_atom_site.pdbx_PDB_model_num 
ATOM 1   C CA . UNK A 1 1   ? 8.400   22.178  0.174   1.00 0.00 ? 1   UNK A CA 1 
ATOM 2   C CA . UNK A 1 2   ? 7.084   19.230  -1.740  1.00 0.00 ? 2   UNK A CA 1 
ATOM 3   C CA . UNK A 1 3   ? 6.045   15.885  -0.794  1.00 0.00 ? 3   UNK A CA 1 
ATOM 4   C CA . UNK A 1 4   ? 5.931   11.887  -1.562  1.00 0.00 ? 4   UNK A CA 1 
ATOM 5   C CA . UNK A 1 5   ? 3.186   10.070  0.177   1.00 0.00 ? 5   UNK A CA 1 
ATOM 6   C CA . UNK A 1 6   ? 1.788   9.304   3.806   1.00 0.00 ? 6   UNK A CA 1 
ATOM 7   C CA . UNK A 1 7   ? -1.366  7.359   4.346   1.00 0.00 ? 7   UNK A CA 1 
ATOM 8   C CA . UNK A 1 8   ? -2.809  6.068   7.871   1.00 0.00 ? 8   UNK A CA 1 
ATOM 9   C CA . UNK A 1 9   ? -6.347  4.524   7.891   1.00 0.00 ? 9   UNK A CA 1 
ATOM 10  C CA . UNK A 1 10  ? -6.455  1.680   10.810  1.00 0.00 ? 10  UNK A CA 1 
ATOM 11  C CA . UNK A 1 11  ? -6.948  1.602   14.608  1.00 0.00 ? 11  UNK A CA 1 
ATOM 12  C CA . UNK A 1 12  ? -10.385 2.306   16.187  1.00 0.00 ? 12  UNK A CA 1 
ATOM 13  C CA . UNK A 1 13  ? -9.199  6.081   16.856  1.00 0.00 ? 13  UNK A CA 1 
ATOM 14  C CA . UNK A 1 14  ? -6.721  6.419   14.157  1.00 0.00 ? 14  UNK A CA 1 
ATOM 15  C CA . UNK A 1 15  ? -9.129  6.526   10.986  1.00 0.00 ? 15  UNK A CA 1 
ATOM 16  C CA . UNK A 1 16  ? -11.347 9.018   12.026  1.00 0.00 ? 16  UNK A CA 1 
ATOM 17  C CA . UNK A 1 17  ? -9.209  11.953  12.786  1.00 0.00 ? 17  UNK A CA 1 
ATOM 18  C CA . UNK A 1 18  ? -6.525  11.465  9.854   1.00 0.00 ? 18  UNK A CA 1 
ATOM 19  C CA . UNK A 1 19  ? -9.254  12.225  7.174   1.00 0.00 ? 19  UNK A CA 1 
ATOM 20  C CA . UNK A 1 20  ? -10.507 15.434  9.360   1.00 0.00 ? 20  UNK A CA 1 
ATOM 21  C CA . UNK A 1 21  ? -7.531  17.406  8.952   1.00 0.00 ? 21  UNK A CA 1 
ATOM 22  C CA . UNK A 1 22  ? -3.594  15.326  9.226   1.00 0.00 ? 22  UNK A CA 1 
ATOM 23  C CA . UNK A 1 23  ? -2.737  12.590  6.640   1.00 0.00 ? 23  UNK A CA 1 
ATOM 24  C CA . UNK A 1 24  ? -4.893  12.397  3.341   1.00 0.00 ? 24  UNK A CA 1 
ATOM 25  C CA . UNK A 1 25  ? -4.456  9.695   0.861   1.00 0.00 ? 25  UNK A CA 1 
ATOM 26  C CA . UNK A 1 26  ? -7.094  7.389   2.241   1.00 0.00 ? 26  UNK A CA 1 
ATOM 27  C CA . UNK A 1 27  ? -6.264  4.111   3.193   1.00 0.00 ? 27  UNK A CA 1 
ATOM 28  C CA . UNK A 1 28  ? -9.268  1.931   4.959   1.00 0.00 ? 28  UNK A CA 1 
ATOM 29  C CA . UNK A 1 29  ? -7.703  -1.288  6.355   1.00 0.00 ? 29  UNK A CA 1 
ATOM 30  C CA . UNK A 1 30  ? -8.268  -4.555  8.824   1.00 0.00 ? 30  UNK A CA 1 
ATOM 31  C CA . UNK A 1 31  ? -11.220 -7.265  8.435   1.00 0.00 ? 31  UNK A CA 1 
ATOM 32  C CA . UNK A 1 32  ? -13.782 -7.258  11.252  1.00 0.00 ? 32  UNK A CA 1 
ATOM 33  C CA . UNK A 1 33  ? -17.023 -6.109  9.614   1.00 0.00 ? 33  UNK A CA 1 
ATOM 34  C CA . UNK A 1 34  ? -18.662 -6.300  6.856   1.00 0.00 ? 34  UNK A CA 1 
ATOM 35  C CA . UNK A 1 35  ? -21.473 -3.706  5.802   1.00 0.00 ? 35  UNK A CA 1 
ATOM 36  C CA . UNK A 1 36  ? -20.378 -2.044  9.038   1.00 0.00 ? 36  UNK A CA 1 
ATOM 37  C CA . UNK A 1 37  ? -16.150 -1.420  8.473   1.00 0.00 ? 37  UNK A CA 1 
ATOM 38  C CA . UNK A 1 38  ? -17.430 0.378   4.812   1.00 0.00 ? 38  UNK A CA 1 
ATOM 39  C CA . UNK A 1 39  ? -20.252 2.489   6.024   1.00 0.00 ? 39  UNK A CA 1 
ATOM 40  C CA . UNK A 1 40  ? -18.072 4.218   8.742   1.00 0.00 ? 40  UNK A CA 1 
ATOM 41  C CA . UNK A 1 41  ? -14.690 4.740   6.841   1.00 0.00 ? 41  UNK A CA 1 
ATOM 42  C CA . UNK A 1 42  ? -16.493 6.184   3.755   1.00 0.00 ? 42  UNK A CA 1 
ATOM 43  C CA . UNK A 1 43  ? -18.755 8.461   5.909   1.00 0.00 ? 43  UNK A CA 1 
ATOM 44  C CA . UNK A 1 44  ? -15.738 10.184  7.717   1.00 0.00 ? 44  UNK A CA 1 
ATOM 45  C CA . UNK A 1 45  ? -13.722 10.613  4.756   1.00 0.00 ? 45  UNK A CA 1 
ATOM 46  C CA . UNK A 1 46  ? -16.550 11.569  2.281   1.00 0.00 ? 46  UNK A CA 1 
ATOM 47  C CA . UNK A 1 47  ? -18.436 14.744  3.852   1.00 0.00 ? 47  UNK A CA 1 
ATOM 48  C CA . UNK A 1 48  ? -15.093 16.398  4.905   1.00 0.00 ? 48  UNK A CA 1 
ATOM 49  C CA . UNK A 1 49  ? -13.447 16.280  1.411   1.00 0.00 ? 49  UNK A CA 1 
ATOM 50  C CA . UNK A 1 50  ? -18.207 17.056  2.333   1.00 0.00 ? 50  UNK A CA 1 
ATOM 51  C CA . UNK A 1 51  ? -15.646 20.319  2.688   1.00 0.00 ? 51  UNK A CA 1 
ATOM 52  C CA . UNK A 1 52  ? -16.513 22.375  -0.924  1.00 0.00 ? 52  UNK A CA 1 
ATOM 53  C CA . UNK A 1 53  ? -14.287 20.598  -3.378  1.00 0.00 ? 53  UNK A CA 1 
ATOM 54  C CA . UNK A 1 54  ? -12.807 23.614  -4.873  1.00 0.00 ? 54  UNK A CA 1 
ATOM 55  C CA . UNK A 1 55  ? -10.379 24.460  -2.020  1.00 0.00 ? 55  UNK A CA 1 
ATOM 56  C CA . UNK A 1 56  ? -7.428  22.169  -2.947  1.00 0.00 ? 56  UNK A CA 1 
ATOM 57  C CA . UNK A 1 57  ? -7.710  18.266  -4.036  1.00 0.00 ? 57  UNK A CA 1 
ATOM 58  C CA . UNK A 1 58  ? -7.876  14.798  -2.649  1.00 0.00 ? 58  UNK A CA 1 
ATOM 59  C CA . UNK A 1 59  ? -9.006  10.975  -2.705  1.00 0.00 ? 59  UNK A CA 1 
ATOM 60  C CA . UNK A 1 60  ? -11.082 8.693   -0.052  1.00 0.00 ? 60  UNK A CA 1 
ATOM 61  C CA . UNK A 1 61  ? -11.651 5.086   -0.681  1.00 0.00 ? 61  UNK A CA 1 
ATOM 62  C CA . UNK A 1 62  ? -9.346  1.967   -1.175  1.00 0.00 ? 62  UNK A CA 1 
ATOM 63  C CA . UNK A 1 63  ? -10.085 -1.505  0.574   1.00 0.00 ? 63  UNK A CA 1 
ATOM 64  C CA . UNK A 1 64  ? -9.200  -5.072  0.754   1.00 0.00 ? 64  UNK A CA 1 
ATOM 65  C CA . UNK A 1 65  ? -9.929  -8.927  1.165   1.00 0.00 ? 65  UNK A CA 1 
ATOM 66  C CA . UNK A 1 66  ? -7.935  -12.021 3.186   1.00 0.00 ? 66  UNK A CA 1 
ATOM 67  C CA . UNK A 1 67  ? -7.112  -15.979 3.799   1.00 0.00 ? 67  UNK A CA 1 
ATOM 68  C CA . UNK A 1 68  ? -5.077  -17.670 5.814   1.00 0.00 ? 68  UNK A CA 1 
ATOM 69  C CA . UNK A 1 69  ? -4.257  -18.200 9.504   1.00 0.00 ? 69  UNK A CA 1 
ATOM 70  C CA . UNK A 1 70  ? -7.193  -18.368 12.309  1.00 0.00 ? 70  UNK A CA 1 
ATOM 71  C CA . UNK A 1 71  ? -7.462  -19.043 16.152  1.00 0.00 ? 71  UNK A CA 1 
ATOM 72  C CA . UNK A 1 72  ? -7.716  -16.792 19.494  1.00 0.00 ? 72  UNK A CA 1 
ATOM 73  C CA . UNK A 1 73  ? -9.548  -17.310 23.018  1.00 0.00 ? 73  UNK A CA 1 
ATOM 74  C CA . UNK A 1 74  ? -7.145  -16.541 26.080  1.00 0.00 ? 74  UNK A CA 1 
ATOM 75  C CA . UNK A 1 75  ? -3.635  -15.809 27.168  1.00 0.00 ? 75  UNK A CA 1 
ATOM 76  C CA . UNK A 1 76  ? -1.381  -17.131 30.304  1.00 0.00 ? 76  UNK A CA 1 
ATOM 77  C CA . UNK A 1 77  ? 1.888   -17.931 30.251  1.00 0.00 ? 77  UNK A CA 1 
ATOM 78  C CA . UNK A 1 78  ? 4.034   -20.502 31.149  1.00 0.00 ? 78  UNK A CA 1 
ATOM 79  C CA . UNK A 1 79  ? 6.886   -22.387 28.816  1.00 0.00 ? 79  UNK A CA 1 
ATOM 80  C CA . UNK A 1 80  ? 5.914   -25.698 26.818  1.00 0.00 ? 80  UNK A CA 1 
ATOM 81  C CA . UNK A 1 81  ? 5.189   -29.517 26.581  1.00 0.00 ? 81  UNK A CA 1 
ATOM 82  C CA . UNK A 1 82  ? 0.930   -30.325 25.108  1.00 0.00 ? 82  UNK A CA 1 
ATOM 83  C CA . UNK A 1 83  ? -1.904  -28.143 26.441  1.00 0.00 ? 83  UNK A CA 1 
ATOM 84  C CA . UNK A 1 84  ? -5.126  -27.409 26.042  1.00 0.00 ? 84  UNK A CA 1 
ATOM 85  C CA . UNK A 1 85  ? -6.240  -23.706 24.399  1.00 0.00 ? 85  UNK A CA 1 
ATOM 86  C CA . UNK A 1 86  ? -9.075  -20.896 24.534  1.00 0.00 ? 86  UNK A CA 1 
ATOM 87  C CA . UNK A 1 87  ? -12.114 -21.519 23.225  1.00 0.00 ? 87  UNK A CA 1 
ATOM 88  C CA . UNK A 1 88  ? -14.222 -18.740 21.795  1.00 0.00 ? 88  UNK A CA 1 
ATOM 89  C CA . UNK A 1 89  ? -15.498 -21.101 19.287  1.00 0.00 ? 89  UNK A CA 1 
ATOM 90  C CA . UNK A 1 90  ? -13.565 -24.587 20.628  1.00 0.00 ? 90  UNK A CA 1 
ATOM 91  C CA . UNK A 1 91  ? -14.914 -28.327 20.336  1.00 0.00 ? 91  UNK A CA 1 
ATOM 92  C CA . UNK A 1 92  ? -13.437 -32.185 19.712  1.00 0.00 ? 92  UNK A CA 1 
ATOM 93  C CA . UNK A 1 93  ? -10.056 -31.052 18.601  1.00 0.00 ? 93  UNK A CA 1 
ATOM 94  C CA . UNK A 1 94  ? -8.488  -27.815 16.489  1.00 0.00 ? 94  UNK A CA 1 
ATOM 95  C CA . UNK A 1 95  ? -10.167 -25.919 16.942  1.00 0.00 ? 95  UNK A CA 1 
ATOM 96  C CA . UNK A 1 96  ? -10.328 -22.551 14.759  1.00 0.00 ? 96  UNK A CA 1 
ATOM 97  C CA . UNK A 1 97  ? -11.333 -21.339 11.059  1.00 0.00 ? 97  UNK A CA 1 
ATOM 98  C CA . UNK A 1 98  ? -9.529  -22.941 8.380   1.00 0.00 ? 98  UNK A CA 1 
ATOM 99  C CA . UNK A 1 99  ? -11.120 -26.815 8.394   1.00 0.00 ? 99  UNK A CA 1 
ATOM 100 C CA . UNK A 1 100 ? -9.844  -29.806 5.667   1.00 0.00 ? 100 UNK A CA 1 
ATOM 101 C CA . UNK A 1 101 ? -6.776  -30.243 4.143   1.00 0.00 ? 101 UNK A CA 1 
ATOM 102 C CA . UNK A 1 102 ? -3.729  -28.313 4.591   1.00 0.00 ? 102 UNK A CA 1 
ATOM 103 C CA . UNK A 1 103 ? -3.811  -26.530 7.732   1.00 0.00 ? 103 UNK A CA 1 
ATOM 104 C CA . UNK A 1 104 ? -4.947  -29.873 9.617   1.00 0.00 ? 104 UNK A CA 1 
ATOM 105 C CA . UNK A 1 105 ? -2.696  -32.077 7.584   1.00 0.00 ? 105 UNK A CA 1 
ATOM 106 C CA . UNK A 1 106 ? 0.331   -30.789 9.568   1.00 0.00 ? 106 UNK A CA 1 
ATOM 107 C CA . UNK A 1 107 ? -0.303  -29.969 12.241  1.00 0.00 ? 107 UNK A CA 1 
ATOM 108 C CA . UNK A 1 108 ? -1.320  -33.981 12.224  1.00 0.00 ? 108 UNK A CA 1 
ATOM 109 C CA . UNK A 1 109 ? 1.944   -35.727 12.733  1.00 0.00 ? 109 UNK A CA 1 
ATOM 110 C CA . UNK A 1 110 ? 5.721   -35.328 15.149  1.00 0.00 ? 110 UNK A CA 1 
ATOM 111 C CA . UNK A 1 111 ? 8.041   -32.290 14.626  1.00 0.00 ? 111 UNK A CA 1 
ATOM 112 C CA . UNK A 1 112 ? 9.867   -29.640 16.681  1.00 0.00 ? 112 UNK A CA 1 
ATOM 113 C CA . UNK A 1 113 ? 10.736  -25.535 15.804  1.00 0.00 ? 113 UNK A CA 1 
ATOM 114 C CA . UNK A 1 114 ? 8.038   -24.137 16.049  1.00 0.00 ? 114 UNK A CA 1 
ATOM 115 C CA . UNK A 1 115 ? 5.695   -20.185 14.064  1.00 0.00 ? 115 UNK A CA 1 
ATOM 116 C CA . UNK A 1 116 ? 4.079   -18.993 15.271  1.00 0.00 ? 116 UNK A CA 1 
ATOM 117 C CA . UNK A 1 117 ? 2.718   -15.077 14.684  1.00 0.00 ? 117 UNK A CA 1 
ATOM 118 C CA . UNK A 1 118 ? 4.771   -12.301 16.190  1.00 0.00 ? 118 UNK A CA 1 
ATOM 119 C CA . UNK A 1 119 ? 2.970   -9.036  18.293  1.00 0.00 ? 119 UNK A CA 1 
ATOM 120 C CA . UNK A 1 120 ? 1.306   -11.059 20.996  1.00 0.00 ? 120 UNK A CA 1 
ATOM 121 C CA . UNK A 1 121 ? 0.138   -14.536 19.326  1.00 0.00 ? 121 UNK A CA 1 
ATOM 122 C CA . UNK A 1 122 ? 3.026   -16.626 18.273  1.00 0.00 ? 122 UNK A CA 1 
ATOM 123 C CA . UNK A 1 123 ? 3.861   -19.824 19.591  1.00 0.00 ? 123 UNK A CA 1 
ATOM 124 C CA . UNK A 1 124 ? 7.029   -22.562 19.196  1.00 0.00 ? 124 UNK A CA 1 
ATOM 125 C CA . UNK A 1 125 ? 6.615   -25.935 19.629  1.00 0.00 ? 125 UNK A CA 1 
ATOM 126 C CA . UNK A 1 126 ? 5.518   -28.968 17.950  1.00 0.00 ? 126 UNK A CA 1 
ATOM 127 C CA . UNK A 1 127 ? 1.635   -30.388 17.782  1.00 0.00 ? 127 UNK A CA 1 
ATOM 128 C CA . UNK A 1 128 ? -0.197  -32.524 15.915  1.00 0.00 ? 128 UNK A CA 1 
ATOM 129 C CA . UNK A 1 129 ? -1.338  -36.728 15.094  1.00 0.00 ? 129 UNK A CA 1 
ATOM 130 C CA . UNK A 1 130 ? -5.014  -37.657 14.652  1.00 0.00 ? 130 UNK A CA 1 
ATOM 131 C CA . UNK A 1 131 ? -8.749  -34.933 14.591  1.00 0.00 ? 131 UNK A CA 1 
ATOM 132 C CA . UNK A 1 132 ? -7.663  -31.273 14.247  1.00 0.00 ? 132 UNK A CA 1 
ATOM 133 C CA . UNK A 1 133 ? -5.650  -29.085 16.347  1.00 0.00 ? 133 UNK A CA 1 
ATOM 134 C CA . UNK A 1 134 ? -2.174  -28.489 17.793  1.00 0.00 ? 134 UNK A CA 1 
ATOM 135 C CA . UNK A 1 135 ? -0.845  -30.133 21.036  1.00 0.00 ? 135 UNK A CA 1 
ATOM 136 C CA . UNK A 1 136 ? 1.705   -28.309 23.401  1.00 0.00 ? 136 UNK A CA 1 
ATOM 137 C CA . UNK A 1 137 ? 5.403   -26.517 22.341  1.00 0.00 ? 137 UNK A CA 1 
ATOM 138 C CA . UNK A 1 138 ? 7.836   -24.725 24.632  1.00 0.00 ? 138 UNK A CA 1 
ATOM 139 C CA . UNK A 1 139 ? 9.574   -21.284 24.361  1.00 0.00 ? 139 UNK A CA 1 
ATOM 140 C CA . UNK A 1 140 ? 7.340   -17.392 26.299  1.00 0.00 ? 140 UNK A CA 1 
ATOM 141 C CA . UNK A 1 141 ? 6.096   -14.876 25.928  1.00 0.00 ? 141 UNK A CA 1 
ATOM 142 C CA . UNK A 1 142 ? 4.152   -13.836 27.857  1.00 0.00 ? 142 UNK A CA 1 
ATOM 143 C CA . UNK A 1 143 ? -0.502  -10.941 26.455  1.00 0.00 ? 143 UNK A CA 1 
ATOM 144 C CA . UNK A 1 144 ? -2.793  -13.286 24.754  1.00 0.00 ? 144 UNK A CA 1 
ATOM 145 C CA . UNK A 1 145 ? -6.608  -11.184 23.735  1.00 0.00 ? 145 UNK A CA 1 
ATOM 146 C CA . UNK A 1 146 ? -8.316  -12.431 20.196  1.00 0.00 ? 146 UNK A CA 1 
ATOM 147 C CA . UNK A 1 147 ? -5.699  -15.265 18.406  1.00 0.00 ? 147 UNK A CA 1 
ATOM 148 C CA . UNK A 1 148 ? -3.651  -15.556 15.711  1.00 0.00 ? 148 UNK A CA 1 
ATOM 149 C CA . UNK A 1 149 ? -2.803  -16.370 12.509  1.00 0.00 ? 149 UNK A CA 1 
ATOM 150 C CA . UNK A 1 150 ? 0.521   -17.983 10.964  1.00 0.00 ? 150 UNK A CA 1 
ATOM 151 C CA . UNK A 1 151 ? 1.901   -21.214 8.968   1.00 0.00 ? 151 UNK A CA 1 
ATOM 152 C CA . UNK A 1 152 ? 5.258   -22.591 7.946   1.00 0.00 ? 152 UNK A CA 1 
ATOM 153 C CA . UNK A 1 153 ? 4.879   -22.460 3.873   1.00 0.00 ? 153 UNK A CA 1 
ATOM 154 C CA . UNK A 1 154 ? 0.911   -24.007 2.699   1.00 0.00 ? 154 UNK A CA 1 
ATOM 155 C CA . UNK A 1 155 ? -1.642  -22.680 0.441   1.00 0.00 ? 155 UNK A CA 1 
ATOM 156 C CA . UNK A 1 156 ? -5.313  -22.714 0.953   1.00 0.00 ? 156 UNK A CA 1 
ATOM 157 C CA . UNK A 1 157 ? -7.760  -18.697 0.323   1.00 0.00 ? 157 UNK A CA 1 
ATOM 158 C CA . UNK A 1 158 ? -11.353 -17.413 -0.684  1.00 0.00 ? 158 UNK A CA 1 
ATOM 159 C CA . UNK A 1 159 ? -11.983 -14.481 0.073   1.00 0.00 ? 159 UNK A CA 1 
ATOM 160 C CA . UNK A 1 160 ? -15.822 -14.368 -1.250  1.00 0.00 ? 160 UNK A CA 1 
ATOM 161 C CA . UNK A 1 161 ? -16.919 -12.501 1.419   1.00 0.00 ? 161 UNK A CA 1 
ATOM 162 C CA . UNK A 1 162 ? -14.369 -9.619  1.009   1.00 0.00 ? 162 UNK A CA 1 
ATOM 163 C CA . UNK A 1 163 ? -14.473 -9.117  -2.847  1.00 0.00 ? 163 UNK A CA 1 
ATOM 164 C CA . UNK A 1 164 ? -18.506 -8.895  -3.098  1.00 0.00 ? 164 UNK A CA 1 
ATOM 165 C CA . UNK A 1 165 ? -18.684 -6.192  -0.348  1.00 0.00 ? 165 UNK A CA 1 
ATOM 166 C CA . UNK A 1 166 ? -16.331 -3.822  -2.121  1.00 0.00 ? 166 UNK A CA 1 
ATOM 167 C CA . UNK A 1 167 ? -17.552 -3.623  -5.981  1.00 0.00 ? 167 UNK A CA 1 
ATOM 168 C CA . UNK A 1 168 ? -20.483 -1.838  -4.998  1.00 0.00 ? 168 UNK A CA 1 
ATOM 169 C CA . UNK A 1 169 ? -19.383 1.848   -3.748  1.00 0.00 ? 169 UNK A CA 1 
ATOM 170 C CA . UNK A 1 170 ? -15.501 1.588   -3.242  1.00 0.00 ? 170 UNK A CA 1 
ATOM 171 C CA . UNK A 1 171 ? -13.459 2.315   -6.377  1.00 0.00 ? 171 UNK A CA 1 
ATOM 172 C CA . UNK A 1 172 ? -10.162 0.805   -5.345  1.00 0.00 ? 172 UNK A CA 1 
ATOM 173 C CA . UNK A 1 173 ? -9.139  -2.039  -3.395  1.00 0.00 ? 173 UNK A CA 1 
ATOM 174 C CA . UNK A 1 174 ? -5.470  -4.260  -2.773  1.00 0.00 ? 174 UNK A CA 1 
ATOM 175 C CA . UNK A 1 175 ? -5.291  -8.163  -2.417  1.00 0.00 ? 175 UNK A CA 1 
ATOM 176 C CA . UNK A 1 176 ? -2.542  -10.244 -0.269  1.00 0.00 ? 176 UNK A CA 1 
ATOM 177 C CA . UNK A 1 177 ? -2.724  -14.031 -0.345  1.00 0.00 ? 177 UNK A CA 1 
ATOM 178 C CA . UNK A 1 178 ? 0.216   -16.754 -0.521  1.00 0.00 ? 178 UNK A CA 1 
ATOM 179 C CA . UNK A 1 179 ? 2.007   -17.639 -4.041  1.00 0.00 ? 179 UNK A CA 1 
ATOM 180 C CA . UNK A 1 180 ? 0.858   -15.660 -7.715  1.00 0.00 ? 180 UNK A CA 1 
ATOM 181 C CA . UNK A 1 181 ? -1.957  -17.837 -9.234  1.00 0.00 ? 181 UNK A CA 1 
ATOM 182 C CA . UNK A 1 182 ? -4.197  -17.668 -6.320  1.00 0.00 ? 182 UNK A CA 1 
ATOM 183 C CA . UNK A 1 183 ? -3.841  -13.535 -5.857  1.00 0.00 ? 183 UNK A CA 1 
ATOM 184 C CA . UNK A 1 184 ? -4.140  -13.377 -9.526  1.00 0.00 ? 184 UNK A CA 1 
ATOM 185 C CA . UNK A 1 185 ? -7.542  -15.254 -9.709  1.00 0.00 ? 185 UNK A CA 1 
ATOM 186 C CA . UNK A 1 186 ? -9.217  -13.832 -6.746  1.00 0.00 ? 186 UNK A CA 1 
ATOM 187 C CA . UNK A 1 187 ? -8.941  -9.817  -7.870  1.00 0.00 ? 187 UNK A CA 1 
ATOM 188 C CA . UNK A 1 188 ? -10.127 -10.118 -11.430 1.00 0.00 ? 188 UNK A CA 1 
ATOM 189 C CA . UNK A 1 189 ? -13.242 -12.340 -10.556 1.00 0.00 ? 189 UNK A CA 1 
ATOM 190 C CA . UNK A 1 190 ? -14.976 -10.135 -7.982  1.00 0.00 ? 190 UNK A CA 1 
ATOM 191 C CA . UNK A 1 191 ? -14.530 -7.121  -10.558 1.00 0.00 ? 191 UNK A CA 1 
ATOM 192 C CA . UNK A 1 192 ? -17.937 -8.070  -12.366 1.00 0.00 ? 192 UNK A CA 1 
ATOM 193 C CA . UNK A 1 193 ? -16.367 -5.409  -14.796 1.00 0.00 ? 193 UNK A CA 1 
ATOM 194 C CA . UNK A 1 194 ? -14.225 -3.402  -12.412 1.00 0.00 ? 194 UNK A CA 1 
ATOM 195 C CA . UNK A 1 195 ? -10.880 -1.335  -13.173 1.00 0.00 ? 195 UNK A CA 1 
ATOM 196 C CA . UNK A 1 196 ? -7.995  -1.022  -10.126 1.00 0.00 ? 196 UNK A CA 1 
ATOM 197 C CA . UNK A 1 197 ? -6.722  -3.884  -8.969  1.00 0.00 ? 197 UNK A CA 1 
ATOM 198 C CA . UNK A 1 198 ? -3.633  -3.612  -7.448  1.00 0.00 ? 198 UNK A CA 1 
ATOM 199 C CA . UNK A 1 199 ? -1.203  -7.043  -6.508  1.00 0.00 ? 199 UNK A CA 1 
ATOM 200 C CA . UNK A 1 200 ? 0.935   -7.079  -3.487  1.00 0.00 ? 200 UNK A CA 1 
ATOM 201 C CA . UNK A 1 201 ? 2.300   -10.126 -1.716  1.00 0.00 ? 201 UNK A CA 1 
ATOM 202 C CA . UNK A 1 202 ? 4.682   -11.125 1.075   1.00 0.00 ? 202 UNK A CA 1 
ATOM 203 C CA . UNK A 1 203 ? 4.924   -14.273 1.813   1.00 0.00 ? 203 UNK A CA 1 
ATOM 204 C CA . UNK A 1 204 ? 8.460   -17.782 1.993   1.00 0.00 ? 204 UNK A CA 1 
ATOM 205 C CA . UNK A 1 205 ? 7.427   -18.638 -2.378  1.00 0.00 ? 205 UNK A CA 1 
ATOM 206 C CA . UNK A 1 206 ? 4.682   -15.521 -3.903  1.00 0.00 ? 206 UNK A CA 1 
ATOM 207 C CA . UNK A 1 207 ? 7.845   -13.054 -4.010  1.00 0.00 ? 207 UNK A CA 1 
ATOM 208 C CA . UNK A 1 208 ? 10.889  -15.531 -4.324  1.00 0.00 ? 208 UNK A CA 1 
ATOM 209 C CA . UNK A 1 209 ? 8.993   -16.317 -7.907  1.00 0.00 ? 209 UNK A CA 1 
ATOM 210 C CA . UNK A 1 210 ? 8.750   -12.576 -8.091  1.00 0.00 ? 210 UNK A CA 1 
ATOM 211 C CA . UNK A 1 211 ? 7.058   -12.949 -12.313 1.00 0.00 ? 211 UNK A CA 1 
ATOM 212 C CA . UNK A 1 212 ? 3.114   -12.681 -11.098 1.00 0.00 ? 212 UNK A CA 1 
ATOM 213 C CA . UNK A 1 213 ? 3.804   -9.969  -8.769  1.00 0.00 ? 213 UNK A CA 1 
ATOM 214 C CA . UNK A 1 214 ? 5.642   -8.194  -11.638 1.00 0.00 ? 214 UNK A CA 1 
ATOM 215 C CA . UNK A 1 215 ? 2.718   -8.592  -14.720 1.00 0.00 ? 215 UNK A CA 1 
ATOM 216 C CA . UNK A 1 216 ? 0.047   -8.407  -12.762 1.00 0.00 ? 216 UNK A CA 1 
ATOM 217 C CA . UNK A 1 217 ? 0.243   -5.097  -10.463 1.00 0.00 ? 217 UNK A CA 1 
ATOM 218 C CA . UNK A 1 218 ? 2.701   -3.228  -8.381  1.00 0.00 ? 218 UNK A CA 1 
ATOM 219 C CA . UNK A 1 219 ? 4.232   -5.185  -5.180  1.00 0.00 ? 219 UNK A CA 1 
ATOM 220 C CA . UNK A 1 220 ? 3.734   -4.386  -1.492  1.00 0.00 ? 220 UNK A CA 1 
ATOM 221 C CA . UNK A 1 221 ? 7.039   -4.922  0.859   1.00 0.00 ? 221 UNK A CA 1 
ATOM 222 C CA . UNK A 1 222 ? 6.292   -6.833  4.239   1.00 0.00 ? 222 UNK A CA 1 
ATOM 223 C CA . UNK A 1 223 ? 8.466   -8.777  6.417   1.00 0.00 ? 223 UNK A CA 1 
ATOM 224 C CA . UNK A 1 224 ? 7.186   -12.326 7.834   1.00 0.00 ? 224 UNK A CA 1 
ATOM 225 C CA . UNK A 1 225 ? 8.046   -15.345 5.911   1.00 0.00 ? 225 UNK A CA 1 
ATOM 226 C CA . UNK A 1 226 ? 11.863  -16.219 5.705   1.00 0.00 ? 226 UNK A CA 1 
ATOM 227 C CA . UNK A 1 227 ? 13.815  -13.972 8.011   1.00 0.00 ? 227 UNK A CA 1 
ATOM 228 C CA . UNK A 1 228 ? 17.586  -12.815 7.253   1.00 0.00 ? 228 UNK A CA 1 
ATOM 229 C CA . UNK A 1 229 ? 18.203  -11.086 3.887   1.00 0.00 ? 229 UNK A CA 1 
ATOM 230 C CA . UNK A 1 230 ? 15.899  -8.560  3.827   1.00 0.00 ? 230 UNK A CA 1 
ATOM 231 C CA . UNK A 1 231 ? 17.259  -6.108  1.007   1.00 0.00 ? 231 UNK A CA 1 
ATOM 232 C CA . UNK A 1 232 ? 18.047  -9.448  -1.474  1.00 0.00 ? 232 UNK A CA 1 
ATOM 233 C CA . UNK A 1 233 ? 13.236  -9.137  -1.353  1.00 0.00 ? 233 UNK A CA 1 
ATOM 234 C CA . UNK A 1 234 ? 12.934  -5.115  -1.296  1.00 0.00 ? 234 UNK A CA 1 
ATOM 235 C CA . UNK A 1 235 ? 15.224  -4.316  -4.040  1.00 0.00 ? 235 UNK A CA 1 
ATOM 236 C CA . UNK A 1 236 ? 14.811  -6.798  -5.819  1.00 0.00 ? 236 UNK A CA 1 
ATOM 237 C CA . UNK A 1 237 ? 10.061  -5.449  -5.979  1.00 0.00 ? 237 UNK A CA 1 
ATOM 238 C CA . UNK A 1 238 ? 10.893  -1.711  -6.229  1.00 0.00 ? 238 UNK A CA 1 
ATOM 239 C CA . UNK A 1 239 ? 13.512  -2.219  -9.320  1.00 0.00 ? 239 UNK A CA 1 
ATOM 240 C CA . UNK A 1 240 ? 9.862   -3.665  -10.524 1.00 0.00 ? 240 UNK A CA 1 
ATOM 241 C CA . UNK A 1 241 ? 7.756   -1.272  -8.260  1.00 0.00 ? 241 UNK A CA 1 
ATOM 242 C CA . UNK A 1 242 ? 8.905   2.238   -9.996  1.00 0.00 ? 242 UNK A CA 1 
ATOM 243 C CA . UNK A 1 243 ? 8.654   0.366   -13.114 1.00 0.00 ? 243 UNK A CA 1 
ATOM 244 C CA . UNK A 1 244 ? 5.416   2.551   -14.129 1.00 0.00 ? 244 UNK A CA 1 
ATOM 245 C CA . UNK A 1 245 ? 2.826   0.489   -11.983 1.00 0.00 ? 245 UNK A CA 1 
ATOM 246 C CA . UNK A 1 246 ? 3.577   2.134   -8.602  1.00 0.00 ? 246 UNK A CA 1 
ATOM 247 C CA . UNK A 1 247 ? 5.189   0.568   -5.296  1.00 0.00 ? 247 UNK A CA 1 
ATOM 248 C CA . UNK A 1 248 ? 4.389   0.698   -1.650  1.00 0.00 ? 248 UNK A CA 1 
ATOM 249 C CA . UNK A 1 249 ? 6.364   0.696   1.748   1.00 0.00 ? 249 UNK A CA 1 
ATOM 250 C CA . UNK A 1 250 ? 4.806   -1.222  4.645   1.00 0.00 ? 250 UNK A CA 1 
ATOM 251 C CA . UNK A 1 251 ? 4.650   -2.901  7.940   1.00 0.00 ? 251 UNK A CA 1 
ATOM 252 C CA . UNK A 1 252 ? 5.571   -0.053  10.250  1.00 0.00 ? 252 UNK A CA 1 
ATOM 253 C CA . UNK A 1 253 ? 7.959   2.723   10.549  1.00 0.00 ? 253 UNK A CA 1 
ATOM 254 C CA . UNK A 1 254 ? 6.253   3.263   13.951  1.00 0.00 ? 254 UNK A CA 1 
ATOM 255 C CA . UNK A 1 255 ? 7.280   0.950   17.152  1.00 0.00 ? 255 UNK A CA 1 
ATOM 256 C CA . UNK A 1 256 ? 4.724   1.258   20.368  1.00 0.00 ? 256 UNK A CA 1 
ATOM 257 C CA . UNK A 1 257 ? 3.096   5.130   19.733  1.00 0.00 ? 257 UNK A CA 1 
ATOM 258 C CA . UNK A 1 258 ? 3.482   8.129   22.276  1.00 0.00 ? 258 UNK A CA 1 
ATOM 259 C CA . UNK A 1 259 ? 4.513   11.385  20.433  1.00 0.00 ? 259 UNK A CA 1 
ATOM 260 C CA . UNK A 1 260 ? 7.709   10.909  18.861  1.00 0.00 ? 260 UNK A CA 1 
ATOM 261 C CA . UNK A 1 261 ? 9.527   7.996   16.467  1.00 0.00 ? 261 UNK A CA 1 
ATOM 262 C CA . UNK A 1 262 ? 12.355  5.249   16.748  1.00 0.00 ? 262 UNK A CA 1 
ATOM 263 C CA . UNK A 1 263 ? 15.800  4.563   16.231  1.00 0.00 ? 263 UNK A CA 1 
ATOM 264 C CA . UNK A 1 264 ? 16.416  1.692   13.950  1.00 0.00 ? 264 UNK A CA 1 
ATOM 265 C CA . UNK A 1 265 ? 12.521  2.307   12.901  1.00 0.00 ? 265 UNK A CA 1 
ATOM 266 C CA . UNK A 1 266 ? 13.542  5.494   11.511  1.00 0.00 ? 266 UNK A CA 1 
ATOM 267 C CA . UNK A 1 267 ? 16.148  4.696   8.839   1.00 0.00 ? 267 UNK A CA 1 
ATOM 268 C CA . UNK A 1 268 ? 14.734  1.439   7.759   1.00 0.00 ? 268 UNK A CA 1 
ATOM 269 C CA . UNK A 1 269 ? 11.587  3.722   6.694   1.00 0.00 ? 269 UNK A CA 1 
ATOM 270 C CA . UNK A 1 270 ? 14.326  6.053   5.144   1.00 0.00 ? 270 UNK A CA 1 
ATOM 271 C CA . UNK A 1 271 ? 16.246  3.979   3.168   1.00 0.00 ? 271 UNK A CA 1 
ATOM 272 C CA . UNK A 1 272 ? 13.492  1.743   1.442   1.00 0.00 ? 272 UNK A CA 1 
ATOM 273 C CA . UNK A 1 273 ? 11.159  4.757   0.263   1.00 0.00 ? 273 UNK A CA 1 
ATOM 274 C CA . UNK A 1 274 ? 14.220  6.435   -1.777  1.00 0.00 ? 274 UNK A CA 1 
ATOM 275 C CA . UNK A 1 275 ? 15.690  3.283   -4.060  1.00 0.00 ? 275 UNK A CA 1 
ATOM 276 C CA . UNK A 1 276 ? 11.683  2.485   -4.445  1.00 0.00 ? 276 UNK A CA 1 
ATOM 277 C CA . UNK A 1 277 ? 9.585   5.593   -3.595  1.00 0.00 ? 277 UNK A CA 1 
ATOM 278 C CA . UNK A 1 278 ? 5.761   6.670   -4.417  1.00 0.00 ? 278 UNK A CA 1 
ATOM 279 C CA . UNK A 1 279 ? 3.939   6.221   -1.345  1.00 0.00 ? 279 UNK A CA 1 
ATOM 280 C CA . UNK A 1 280 ? 4.248   5.991   2.203   1.00 0.00 ? 280 UNK A CA 1 
ATOM 281 C CA . UNK A 1 281 ? 2.046   3.155   4.350   1.00 0.00 ? 281 UNK A CA 1 
ATOM 282 C CA . UNK A 1 282 ? 1.762   3.428   8.206   1.00 0.00 ? 282 UNK A CA 1 
ATOM 283 C CA . UNK A 1 283 ? -0.996  1.462   10.032  1.00 0.00 ? 283 UNK A CA 1 
ATOM 284 C CA . UNK A 1 284 ? -2.667  0.547   13.478  1.00 0.00 ? 284 UNK A CA 1 
ATOM 285 C CA . UNK A 1 285 ? -3.242  2.928   16.590  1.00 0.00 ? 285 UNK A CA 1 
ATOM 286 C CA . UNK A 1 286 ? -0.899  4.119   19.560  1.00 0.00 ? 286 UNK A CA 1 
ATOM 287 C CA . UNK A 1 287 ? -1.908  7.876   19.627  1.00 0.00 ? 287 UNK A CA 1 
ATOM 288 C CA . UNK A 1 288 ? -1.963  8.028   15.984  1.00 0.00 ? 288 UNK A CA 1 
ATOM 289 C CA . UNK A 1 289 ? -0.680  11.747  16.116  1.00 0.00 ? 289 UNK A CA 1 
ATOM 290 C CA . UNK A 1 290 ? 2.791   10.493  16.352  1.00 0.00 ? 290 UNK A CA 1 
ATOM 291 C CA . UNK A 1 291 ? 2.127   7.858   13.815  1.00 0.00 ? 291 UNK A CA 1 
ATOM 292 C CA . UNK A 1 292 ? 1.409   10.184  10.799  1.00 0.00 ? 292 UNK A CA 1 
ATOM 293 C CA . UNK A 1 293 ? 4.035   12.963  11.942  1.00 0.00 ? 293 UNK A CA 1 
ATOM 294 C CA . UNK A 1 294 ? 7.255   10.096  11.794  1.00 0.00 ? 294 UNK A CA 1 
ATOM 295 C CA . UNK A 1 295 ? 6.237   8.382   8.595   1.00 0.00 ? 295 UNK A CA 1 
ATOM 296 C CA . UNK A 1 296 ? 5.259   12.115  6.451   1.00 0.00 ? 296 UNK A CA 1 
ATOM 297 C CA . UNK A 1 297 ? 8.861   13.769  7.775   1.00 0.00 ? 297 UNK A CA 1 
ATOM 298 C CA . UNK A 1 298 ? 11.131  11.149  6.981   1.00 0.00 ? 298 UNK A CA 1 
ATOM 299 C CA . UNK A 1 299 ? 9.737   10.357  3.695   1.00 0.00 ? 299 UNK A CA 1 
ATOM 300 C CA . UNK A 1 300 ? 9.954   13.837  2.222   1.00 0.00 ? 300 UNK A CA 1 
ATOM 301 C CA . UNK A 1 301 ? 13.208  15.253  3.656   1.00 0.00 ? 301 UNK A CA 1 
ATOM 302 C CA . UNK A 1 302 ? 15.266  12.061  2.771   1.00 0.00 ? 302 UNK A CA 1 
ATOM 303 C CA . UNK A 1 303 ? 13.996  11.149  -0.929  1.00 0.00 ? 303 UNK A CA 1 
ATOM 304 C CA . UNK A 1 304 ? 13.728  14.865  -2.420  1.00 0.00 ? 304 UNK A CA 1 
ATOM 305 C CA . UNK A 1 305 ? 17.248  15.625  -0.572  1.00 0.00 ? 305 UNK A CA 1 
ATOM 306 C CA . UNK A 1 306 ? 18.527  12.300  -1.120  1.00 0.00 ? 306 UNK A CA 1 
ATOM 307 C CA . UNK A 1 307 ? 18.205  9.644   -3.984  1.00 0.00 ? 307 UNK A CA 1 
ATOM 308 C CA . UNK A 1 308 ? 20.141  11.675  -6.171  1.00 0.00 ? 308 UNK A CA 1 
ATOM 309 C CA . UNK A 1 309 ? 17.654  12.569  -9.156  1.00 0.00 ? 309 UNK A CA 1 
ATOM 310 C CA . UNK A 1 310 ? 20.185  12.185  -12.164 1.00 0.00 ? 310 UNK A CA 1 
ATOM 311 C CA . UNK A 1 311 ? 22.389  8.989   -10.972 1.00 0.00 ? 311 UNK A CA 1 
ATOM 312 C CA . UNK A 1 312 ? 19.059  6.930   -9.967  1.00 0.00 ? 312 UNK A CA 1 
ATOM 313 C CA . UNK A 1 313 ? 16.698  7.422   -12.702 1.00 0.00 ? 313 UNK A CA 1 
ATOM 314 C CA . UNK A 1 314 ? 19.461  7.103   -15.562 1.00 0.00 ? 314 UNK A CA 1 
ATOM 315 C CA . UNK A 1 315 ? 20.512  3.600   -14.044 1.00 0.00 ? 315 UNK A CA 1 
ATOM 316 C CA . UNK A 1 316 ? 17.356  1.938   -14.167 1.00 0.00 ? 316 UNK A CA 1 
ATOM 317 C CA . UNK A 1 317 ? 16.465  2.962   -17.827 1.00 0.00 ? 317 UNK A CA 1 
ATOM 318 C CA . UNK A 1 318 ? 19.666  1.971   -19.588 1.00 0.00 ? 318 UNK A CA 1 
ATOM 319 C CA . UNK A 1 319 ? 19.965  -1.367  -17.906 1.00 0.00 ? 319 UNK A CA 1 
ATOM 320 C CA . UNK A 1 320 ? 16.649  -2.722  -19.134 1.00 0.00 ? 320 UNK A CA 1 
ATOM 321 C CA . UNK A 1 321 ? 17.719  -1.605  -22.672 1.00 0.00 ? 321 UNK A CA 1 
ATOM 322 C CA . UNK A 1 322 ? 16.175  1.611   -24.642 1.00 0.00 ? 322 UNK A CA 1 
ATOM 323 C CA . UNK A 1 323 ? 13.335  1.321   -26.955 1.00 0.00 ? 323 UNK A CA 1 
ATOM 324 C CA . UNK A 1 324 ? 11.012  4.263   -28.255 1.00 0.00 ? 324 UNK A CA 1 
ATOM 325 C CA . UNK A 1 325 ? 7.327   5.087   -28.914 1.00 0.00 ? 325 UNK A CA 1 
ATOM 326 C CA . UNK A 1 326 ? 4.661   7.818   -28.222 1.00 0.00 ? 326 UNK A CA 1 
ATOM 327 C CA . UNK A 1 327 ? 4.559   7.187   -24.391 1.00 0.00 ? 327 UNK A CA 1 
ATOM 328 C CA . UNK A 1 328 ? 8.351   7.192   -24.132 1.00 0.00 ? 328 UNK A CA 1 
ATOM 329 C CA . UNK A 1 329 ? 8.881   10.313  -25.940 1.00 0.00 ? 329 UNK A CA 1 
ATOM 330 C CA . UNK A 1 330 ? 6.388   12.383  -23.601 1.00 0.00 ? 330 UNK A CA 1 
ATOM 331 C CA . UNK A 1 331 ? 7.965   10.993  -20.115 1.00 0.00 ? 331 UNK A CA 1 
ATOM 332 C CA . UNK A 1 332 ? 11.275  12.099  -20.802 1.00 0.00 ? 332 UNK A CA 1 
ATOM 333 C CA . UNK A 1 333 ? 10.649  15.648  -22.061 1.00 0.00 ? 333 UNK A CA 1 
ATOM 334 C CA . UNK A 1 334 ? 8.531   16.291  -19.005 1.00 0.00 ? 334 UNK A CA 1 
ATOM 335 C CA . UNK A 1 335 ? 10.885  15.136  -16.372 1.00 0.00 ? 335 UNK A CA 1 
ATOM 336 C CA . UNK A 1 336 ? 13.953  16.973  -17.681 1.00 0.00 ? 336 UNK A CA 1 
ATOM 337 C CA . UNK A 1 337 ? 12.307  20.113  -17.965 1.00 0.00 ? 337 UNK A CA 1 
ATOM 338 C CA . UNK A 1 338 ? 10.471  20.472  -14.549 1.00 0.00 ? 338 UNK A CA 1 
ATOM 339 C CA . UNK A 1 339 ? 13.891  19.154  -12.712 1.00 0.00 ? 339 UNK A CA 1 
ATOM 340 C CA . UNK A 1 340 ? 15.818  22.072  -14.190 1.00 0.00 ? 340 UNK A CA 1 
ATOM 341 C CA . UNK A 1 341 ? 13.530  24.967  -14.304 1.00 0.00 ? 341 UNK A CA 1 
ATOM 342 C CA . UNK A 1 342 ? 11.054  24.488  -11.273 1.00 0.00 ? 342 UNK A CA 1 
ATOM 343 C CA . UNK A 1 343 ? 8.986   21.149  -10.878 1.00 0.00 ? 343 UNK A CA 1 
ATOM 344 C CA . UNK A 1 344 ? 5.122   21.186  -11.993 1.00 0.00 ? 344 UNK A CA 1 
ATOM 345 C CA . UNK A 1 345 ? 2.832   21.184  -14.758 1.00 0.00 ? 345 UNK A CA 1 
ATOM 346 C CA . UNK A 1 346 ? -1.333  20.552  -15.915 1.00 0.00 ? 346 UNK A CA 1 
ATOM 347 C CA . UNK A 1 347 ? -2.256  16.909  -17.463 1.00 0.00 ? 347 UNK A CA 1 
ATOM 348 C CA . UNK A 1 348 ? -5.445  14.507  -17.479 1.00 0.00 ? 348 UNK A CA 1 
ATOM 349 C CA . UNK A 1 349 ? -7.605  11.767  -19.512 1.00 0.00 ? 349 UNK A CA 1 
ATOM 350 C CA . UNK A 1 350 ? -8.139  9.019   -17.184 1.00 0.00 ? 350 UNK A CA 1 
ATOM 351 C CA . UNK A 1 351 ? -4.977  6.292   -16.760 1.00 0.00 ? 351 UNK A CA 1 
ATOM 352 C CA . UNK A 1 352 ? -1.826  6.749   -18.809 1.00 0.00 ? 352 UNK A CA 1 
ATOM 353 C CA . UNK A 1 353 ? -0.437  10.432  -18.150 1.00 0.00 ? 353 UNK A CA 1 
ATOM 354 C CA . UNK A 1 354 ? -1.327  10.465  -14.454 1.00 0.00 ? 354 UNK A CA 1 
ATOM 355 C CA . UNK A 1 355 ? 0.050   6.892   -13.690 1.00 0.00 ? 355 UNK A CA 1 
ATOM 356 C CA . UNK A 1 356 ? 3.034   8.119   -15.139 1.00 0.00 ? 356 UNK A CA 1 
ATOM 357 C CA . UNK A 1 357 ? 3.815   11.290  -13.158 1.00 0.00 ? 357 UNK A CA 1 
ATOM 358 C CA . UNK A 1 358 ? 6.082   10.117  -10.110 1.00 0.00 ? 358 UNK A CA 1 
ATOM 359 C CA . UNK A 1 359 ? 6.988   7.172   -12.815 1.00 0.00 ? 359 UNK A CA 1 
ATOM 360 C CA . UNK A 1 360 ? 8.891   10.376  -14.382 1.00 0.00 ? 360 UNK A CA 1 
ATOM 361 C CA . UNK A 1 361 ? 11.173  10.670  -11.462 1.00 0.00 ? 361 UNK A CA 1 
ATOM 362 C CA . UNK A 1 362 ? 10.829  14.386  -11.475 1.00 0.00 ? 362 UNK A CA 1 
ATOM 363 C CA . UNK A 1 363 ? 11.786  16.161  -8.070  1.00 0.00 ? 363 UNK A CA 1 
ATOM 364 C CA . UNK A 1 364 ? 8.086   16.423  -6.829  1.00 0.00 ? 364 UNK A CA 1 
ATOM 365 C CA . UNK A 1 365 ? 4.734   17.529  -9.359  1.00 0.00 ? 365 UNK A CA 1 
ATOM 366 C CA . UNK A 1 366 ? 1.863   15.854  -10.603 1.00 0.00 ? 366 UNK A CA 1 
ATOM 367 C CA . UNK A 1 367 ? -1.033  18.340  -12.427 1.00 0.00 ? 367 UNK A CA 1 
ATOM 368 C CA . UNK A 1 368 ? -4.462  17.173  -13.694 1.00 0.00 ? 368 UNK A CA 1 
ATOM 369 C CA . UNK A 1 369 ? -8.204  18.136  -13.782 1.00 0.00 ? 369 UNK A CA 1 
ATOM 370 C CA . UNK A 1 370 ? -11.293 16.907  -15.559 1.00 0.00 ? 370 UNK A CA 1 
ATOM 371 C CA . UNK A 1 371 ? -13.416 14.240  -13.340 1.00 0.00 ? 371 UNK A CA 1 
ATOM 372 C CA . UNK A 1 372 ? -11.801 12.895  -10.001 1.00 0.00 ? 372 UNK A CA 1 
ATOM 373 C CA . UNK A 1 373 ? -13.926 10.058  -9.332  1.00 0.00 ? 373 UNK A CA 1 
ATOM 374 C CA . UNK A 1 374 ? -12.903 7.457   -10.745 1.00 0.00 ? 374 UNK A CA 1 
ATOM 375 C CA . UNK A 1 375 ? -10.143 9.282   -12.240 1.00 0.00 ? 375 UNK A CA 1 
ATOM 376 C CA . UNK A 1 376 ? -8.919  11.267  -9.349  1.00 0.00 ? 376 UNK A CA 1 
ATOM 377 C CA . UNK A 1 377 ? -8.516  7.672   -7.174  1.00 0.00 ? 377 UNK A CA 1 
ATOM 378 C CA . UNK A 1 378 ? -6.327  6.031   -9.631  1.00 0.00 ? 378 UNK A CA 1 
ATOM 379 C CA . UNK A 1 379 ? -3.857  8.885   -10.444 1.00 0.00 ? 379 UNK A CA 1 
ATOM 380 C CA . UNK A 1 380 ? -2.959  9.984   -7.055  1.00 0.00 ? 380 UNK A CA 1 
ATOM 381 C CA . UNK A 1 381 ? -1.292  6.338   -6.716  1.00 0.00 ? 381 UNK A CA 1 
ATOM 382 C CA . UNK A 1 382 ? 3.301   5.466   -6.111  1.00 0.00 ? 382 UNK A CA 1 
ATOM 383 C CA . UNK A 1 383 ? 3.661   9.226   -6.169  1.00 0.00 ? 383 UNK A CA 1 
ATOM 384 C CA . UNK A 1 384 ? 2.489   12.514  -5.095  1.00 0.00 ? 384 UNK A CA 1 
ATOM 385 C CA . UNK A 1 385 ? 0.057   15.272  -6.955  1.00 0.00 ? 385 UNK A CA 1 
ATOM 386 C CA . UNK A 1 386 ? -3.509  17.306  -7.250  1.00 0.00 ? 386 UNK A CA 1 
ATOM 387 C CA . UNK A 1 387 ? -6.118  17.222  -9.748  1.00 0.00 ? 387 UNK A CA 1 
ATOM 388 C CA . UNK A 1 388 ? -8.984  19.672  -9.567  1.00 0.00 ? 388 UNK A CA 1 
ATOM 389 C CA . UNK A 1 389 ? -11.572 17.622  -11.636 1.00 0.00 ? 389 UNK A CA 1 
ATOM 390 C CA . UNK A 1 390 ? -14.315 20.405  -10.982 1.00 0.00 ? 390 UNK A CA 1 
ATOM 391 C CA . UNK A 1 391 ? -17.086 21.675  -13.143 1.00 0.00 ? 391 UNK A CA 1 
ATOM 392 C CA . UNK A 1 392 ? -17.508 23.412  -16.773 1.00 0.00 ? 392 UNK A CA 1 
ATOM 393 C CA . UNK A 1 393 ? -15.298 21.768  -19.803 1.00 0.00 ? 393 UNK A CA 1 
ATOM 394 C CA . UNK A 1 394 ? -11.526 22.280  -19.600 1.00 0.00 ? 394 UNK A CA 1 
ATOM 395 C CA . UNK A 1 395 ? -8.718  23.443  -22.100 1.00 0.00 ? 395 UNK A CA 1 
ATOM 396 C CA . UNK A 1 396 ? -5.755  26.081  -21.832 1.00 0.00 ? 396 UNK A CA 1 
ATOM 397 C CA . UNK A 1 397 ? -7.398  28.243  -18.976 1.00 0.00 ? 397 UNK A CA 1 
ATOM 398 C CA . UNK A 1 398 ? -8.858  25.314  -16.871 1.00 0.00 ? 398 UNK A CA 1 
ATOM 399 C CA . UNK A 1 399 ? -5.088  23.188  -16.586 1.00 0.00 ? 399 UNK A CA 1 
ATOM 400 C CA . UNK A 1 400 ? -2.399  26.271  -15.947 1.00 0.00 ? 400 UNK A CA 1 
ATOM 401 C CA . UNK A 1 401 ? -4.603  27.400  -13.105 1.00 0.00 ? 401 UNK A CA 1 
ATOM 402 C CA . UNK A 1 402 ? -4.788  24.156  -11.110 1.00 0.00 ? 402 UNK A CA 1 
ATOM 403 C CA . UNK A 1 403 ? -1.026  22.828  -11.299 1.00 0.00 ? 403 UNK A CA 1 
ATOM 404 C CA . UNK A 1 404 ? 0.199   26.183  -9.965  1.00 0.00 ? 404 UNK A CA 1 
ATOM 405 C CA . UNK A 1 405 ? -1.648  25.657  -6.684  1.00 0.00 ? 405 UNK A CA 1 
ATOM 406 C CA . UNK A 1 406 ? 0.944   27.787  -4.250  1.00 0.00 ? 406 UNK A CA 1 
ATOM 407 C CA . UNK A 1 407 ? 2.021   26.443  -0.877  1.00 0.00 ? 407 UNK A CA 1 
ATOM 408 C CA . UNK A 1 408 ? 5.392   25.215  -1.987  1.00 0.00 ? 408 UNK A CA 1 
ATOM 409 C CA . UNK A 1 409 ? 6.249   25.398  -5.319  1.00 0.00 ? 409 UNK A CA 1 
ATOM 410 C CA . UNK A 1 410 ? 6.935   28.636  -7.017  1.00 0.00 ? 410 UNK A CA 1 
ATOM 411 C CA . UNK A 1 411 ? 5.629   32.671  -7.554  1.00 0.00 ? 411 UNK A CA 1 
ATOM 412 C CA . UNK A 1 412 ? 5.411   34.317  -11.193 1.00 0.00 ? 412 UNK A CA 1 
ATOM 413 C CA . UNK A 1 413 ? 5.370   31.194  -13.549 1.00 0.00 ? 413 UNK A CA 1 
ATOM 414 C CA . UNK A 1 414 ? 7.182   29.802  -17.013 1.00 0.00 ? 414 UNK A CA 1 
ATOM 415 C CA . UNK A 1 415 ? 6.200   27.447  -19.580 1.00 0.00 ? 415 UNK A CA 1 
ATOM 416 C CA . UNK A 1 416 ? 8.140   25.009  -21.832 1.00 0.00 ? 416 UNK A CA 1 
ATOM 417 C CA . UNK A 1 417 ? 5.883   22.324  -23.328 1.00 0.00 ? 417 UNK A CA 1 
ATOM 418 C CA . UNK A 1 418 ? 5.270   19.057  -24.989 1.00 0.00 ? 418 UNK A CA 1 
ATOM 419 C CA . UNK A 1 419 ? 1.729   17.484  -26.851 1.00 0.00 ? 419 UNK A CA 1 
ATOM 420 C CA . UNK A 1 420 ? -1.101  19.487  -27.886 1.00 0.00 ? 420 UNK A CA 1 
ATOM 421 C CA . UNK A 1 421 ? -4.538  18.975  -29.296 1.00 0.00 ? 421 UNK A CA 1 
ATOM 422 C CA . UNK A 1 422 ? -7.028  15.671  -28.795 1.00 0.00 ? 422 UNK A CA 1 
ATOM 423 C CA . UNK A 1 423 ? -5.536  12.323  -29.805 1.00 0.00 ? 423 UNK A CA 1 
ATOM 424 C CA . UNK A 1 424 ? -4.095  9.817   -27.441 1.00 0.00 ? 424 UNK A CA 1 
ATOM 425 C CA . UNK A 1 425 ? -0.867  11.750  -25.244 1.00 0.00 ? 425 UNK A CA 1 
ATOM 426 C CA . UNK A 1 426 ? 0.164   15.266  -24.353 1.00 0.00 ? 426 UNK A CA 1 
ATOM 427 C CA . UNK A 1 427 ? 1.366   17.395  -21.220 1.00 0.00 ? 427 UNK A CA 1 
ATOM 428 C CA . UNK A 1 428 ? 2.856   20.741  -20.434 1.00 0.00 ? 428 UNK A CA 1 
ATOM 429 C CA . UNK A 1 429 ? 5.096   22.048  -17.624 1.00 0.00 ? 429 UNK A CA 1 
ATOM 430 C CA . UNK A 1 430 ? 6.842   25.174  -16.601 1.00 0.00 ? 430 UNK A CA 1 
ATOM 431 C CA . UNK A 1 431 ? 8.703   26.821  -13.616 1.00 0.00 ? 431 UNK A CA 1 
ATOM 432 C CA . UNK A 1 432 ? 9.610   30.597  -12.644 1.00 0.00 ? 432 UNK A CA 1 
# 
